data_2LHJ
#
_entry.id   2LHJ
#
_entity_poly.entity_id   1
_entity_poly.type   'polypeptide(L)'
_entity_poly.pdbx_seq_one_letter_code
;MAGASDRTGVRRPRKAKKDPNAPKRALSSYMFFAKEKRVEIIAENPEIAKDVAAIGKMIGAAWNALSDEEKKPYERMSDE
DRVRYEREKAEYAQRKV
;
_entity_poly.pdbx_strand_id   A
#
# COMPACT_ATOMS: atom_id res chain seq x y z
N MET A 1 9.18 -0.32 -18.69
CA MET A 1 9.34 0.62 -19.78
C MET A 1 9.03 -0.05 -21.13
N ALA A 2 8.14 0.57 -21.90
CA ALA A 2 7.76 0.04 -23.20
C ALA A 2 8.92 0.14 -24.20
N GLY A 3 8.66 -0.30 -25.42
CA GLY A 3 9.69 -0.24 -26.45
C GLY A 3 10.46 -1.55 -26.57
N ALA A 4 9.81 -2.65 -26.19
CA ALA A 4 10.45 -3.96 -26.26
C ALA A 4 10.71 -4.37 -27.70
N SER A 5 9.93 -3.82 -28.62
CA SER A 5 10.08 -4.12 -30.04
C SER A 5 9.79 -5.60 -30.31
N ASP A 6 8.98 -6.21 -29.45
CA ASP A 6 8.62 -7.61 -29.59
C ASP A 6 7.16 -7.76 -30.01
N ARG A 7 6.33 -6.83 -29.56
CA ARG A 7 4.91 -6.87 -29.88
C ARG A 7 4.52 -5.68 -30.75
N THR A 8 3.24 -5.61 -31.12
CA THR A 8 2.74 -4.51 -31.95
C THR A 8 2.53 -3.25 -31.13
N GLY A 9 2.31 -3.42 -29.83
CA GLY A 9 2.10 -2.28 -28.96
C GLY A 9 2.28 -2.63 -27.49
N VAL A 10 3.52 -2.82 -27.08
CA VAL A 10 3.84 -3.17 -25.70
C VAL A 10 3.43 -2.05 -24.75
N ARG A 11 2.59 -2.37 -23.78
CA ARG A 11 2.13 -1.38 -22.81
C ARG A 11 3.07 -1.31 -21.61
N ARG A 12 3.03 -0.19 -20.90
CA ARG A 12 3.88 0.01 -19.73
C ARG A 12 3.06 0.06 -18.46
N PRO A 13 3.69 -0.30 -17.32
CA PRO A 13 3.03 -0.30 -16.02
C PRO A 13 2.73 1.11 -15.52
N ARG A 14 3.29 2.11 -16.20
CA ARG A 14 3.08 3.50 -15.82
C ARG A 14 1.71 3.98 -16.25
N LYS A 15 1.12 3.29 -17.23
CA LYS A 15 -0.20 3.65 -17.73
C LYS A 15 -1.20 3.79 -16.59
N ALA A 16 -1.88 4.93 -16.53
CA ALA A 16 -2.86 5.18 -15.48
C ALA A 16 -4.00 4.18 -15.55
N LYS A 17 -4.45 3.88 -16.76
CA LYS A 17 -5.54 2.93 -16.97
C LYS A 17 -5.18 1.56 -16.41
N LYS A 18 -3.89 1.27 -16.34
CA LYS A 18 -3.41 0.00 -15.83
C LYS A 18 -3.38 0.00 -14.30
N ASP A 19 -4.12 -0.92 -13.70
CA ASP A 19 -4.17 -1.03 -12.25
C ASP A 19 -2.78 -1.18 -11.66
N PRO A 20 -2.62 -0.78 -10.38
CA PRO A 20 -1.33 -0.86 -9.68
C PRO A 20 -0.94 -2.31 -9.38
N ASN A 21 -1.93 -3.14 -9.05
CA ASN A 21 -1.68 -4.54 -8.74
C ASN A 21 -0.58 -4.67 -7.68
N ALA A 22 -0.60 -3.78 -6.69
CA ALA A 22 0.38 -3.80 -5.62
C ALA A 22 -0.25 -4.23 -4.31
N PRO A 23 0.59 -4.67 -3.36
CA PRO A 23 0.13 -5.12 -2.04
C PRO A 23 -0.37 -3.97 -1.17
N LYS A 24 -1.53 -4.16 -0.56
CA LYS A 24 -2.13 -3.14 0.29
C LYS A 24 -2.26 -3.64 1.72
N ARG A 25 -1.40 -4.58 2.10
CA ARG A 25 -1.42 -5.13 3.45
C ARG A 25 -0.81 -4.16 4.45
N ALA A 26 -1.15 -4.33 5.72
CA ALA A 26 -0.64 -3.47 6.78
C ALA A 26 0.70 -3.98 7.30
N LEU A 27 1.42 -3.13 8.02
CA LEU A 27 2.72 -3.49 8.57
C LEU A 27 2.58 -4.61 9.60
N SER A 28 3.39 -5.65 9.46
CA SER A 28 3.35 -6.78 10.38
C SER A 28 3.45 -6.31 11.82
N SER A 29 3.12 -7.19 12.76
CA SER A 29 3.16 -6.86 14.18
C SER A 29 4.60 -6.83 14.68
N TYR A 30 5.25 -7.98 14.66
CA TYR A 30 6.63 -8.09 15.12
C TYR A 30 7.60 -7.68 14.01
N MET A 31 7.23 -7.97 12.78
CA MET A 31 8.07 -7.63 11.64
C MET A 31 7.99 -6.14 11.32
N PHE A 32 7.13 -5.44 12.05
CA PHE A 32 6.96 -4.00 11.87
C PHE A 32 8.31 -3.31 11.71
N PHE A 33 9.31 -3.81 12.41
CA PHE A 33 10.65 -3.24 12.35
C PHE A 33 11.13 -3.11 10.91
N ALA A 34 11.08 -4.22 10.17
CA ALA A 34 11.50 -4.22 8.77
C ALA A 34 10.38 -3.77 7.86
N LYS A 35 9.17 -4.24 8.13
CA LYS A 35 8.00 -3.89 7.33
C LYS A 35 7.80 -2.38 7.31
N GLU A 36 8.37 -1.69 8.30
CA GLU A 36 8.24 -0.25 8.40
C GLU A 36 8.79 0.43 7.14
N LYS A 37 9.67 -0.27 6.43
CA LYS A 37 10.26 0.26 5.21
C LYS A 37 9.28 0.14 4.04
N ARG A 38 8.17 -0.54 4.28
CA ARG A 38 7.16 -0.73 3.24
C ARG A 38 6.79 0.60 2.60
N VAL A 39 6.88 1.67 3.37
CA VAL A 39 6.54 3.00 2.88
C VAL A 39 7.35 3.34 1.63
N GLU A 40 8.47 2.65 1.46
CA GLU A 40 9.34 2.88 0.31
C GLU A 40 8.64 2.50 -0.99
N ILE A 41 7.70 1.56 -0.89
CA ILE A 41 6.96 1.10 -2.05
C ILE A 41 6.27 2.27 -2.77
N ILE A 42 6.06 3.36 -2.03
CA ILE A 42 5.43 4.54 -2.59
C ILE A 42 6.10 4.97 -3.89
N ALA A 43 7.39 4.68 -4.01
CA ALA A 43 8.14 5.03 -5.21
C ALA A 43 7.94 3.98 -6.30
N GLU A 44 8.01 2.71 -5.92
CA GLU A 44 7.83 1.62 -6.87
C GLU A 44 6.43 1.67 -7.51
N ASN A 45 5.50 2.29 -6.80
CA ASN A 45 4.12 2.40 -7.29
C ASN A 45 3.69 3.86 -7.36
N PRO A 46 4.19 4.57 -8.39
CA PRO A 46 3.86 5.99 -8.59
C PRO A 46 2.41 6.19 -9.01
N GLU A 47 1.72 5.10 -9.30
CA GLU A 47 0.32 5.15 -9.72
C GLU A 47 -0.54 5.78 -8.63
N ILE A 48 -0.45 5.23 -7.42
CA ILE A 48 -1.22 5.72 -6.29
C ILE A 48 -0.38 6.61 -5.39
N ALA A 49 0.84 6.90 -5.83
CA ALA A 49 1.75 7.74 -5.06
C ALA A 49 1.13 9.10 -4.76
N LYS A 50 0.15 9.49 -5.58
CA LYS A 50 -0.52 10.77 -5.40
C LYS A 50 -1.94 10.57 -4.88
N ASP A 51 -2.13 9.51 -4.09
CA ASP A 51 -3.43 9.21 -3.52
C ASP A 51 -3.76 10.16 -2.37
N VAL A 52 -4.41 11.27 -2.69
CA VAL A 52 -4.79 12.26 -1.68
C VAL A 52 -6.04 11.83 -0.93
N ALA A 53 -6.84 10.96 -1.55
CA ALA A 53 -8.07 10.47 -0.94
C ALA A 53 -7.77 9.33 0.03
N ALA A 54 -6.64 8.66 -0.18
CA ALA A 54 -6.25 7.54 0.68
C ALA A 54 -6.20 7.97 2.14
N ILE A 55 -5.88 9.23 2.38
CA ILE A 55 -5.81 9.76 3.75
C ILE A 55 -7.17 9.72 4.41
N GLY A 56 -8.22 10.00 3.63
CA GLY A 56 -9.57 9.99 4.18
C GLY A 56 -10.17 8.61 4.21
N LYS A 57 -9.73 7.75 3.30
CA LYS A 57 -10.24 6.38 3.24
C LYS A 57 -9.50 5.48 4.23
N MET A 58 -8.31 5.90 4.64
CA MET A 58 -7.52 5.14 5.59
C MET A 58 -8.34 4.78 6.82
N ILE A 59 -9.29 5.63 7.16
CA ILE A 59 -10.16 5.40 8.32
C ILE A 59 -10.86 4.06 8.22
N GLY A 60 -11.69 3.90 7.19
CA GLY A 60 -12.41 2.65 7.00
C GLY A 60 -11.50 1.51 6.61
N ALA A 61 -10.32 1.84 6.09
CA ALA A 61 -9.36 0.83 5.69
C ALA A 61 -8.56 0.32 6.89
N ALA A 62 -8.58 1.08 7.98
CA ALA A 62 -7.86 0.70 9.19
C ALA A 62 -8.20 -0.72 9.60
N TRP A 63 -9.45 -1.13 9.38
CA TRP A 63 -9.90 -2.47 9.73
C TRP A 63 -9.52 -3.47 8.64
N ASN A 64 -9.46 -2.99 7.40
CA ASN A 64 -9.12 -3.85 6.27
C ASN A 64 -7.62 -3.82 6.01
N ALA A 65 -6.86 -3.26 6.95
CA ALA A 65 -5.42 -3.18 6.82
C ALA A 65 -4.76 -4.54 7.01
N LEU A 66 -5.32 -5.34 7.91
CA LEU A 66 -4.78 -6.68 8.18
C LEU A 66 -5.46 -7.72 7.30
N SER A 67 -4.96 -8.95 7.35
CA SER A 67 -5.51 -10.04 6.55
C SER A 67 -6.96 -10.31 6.94
N ASP A 68 -7.77 -10.70 5.96
CA ASP A 68 -9.18 -10.99 6.20
C ASP A 68 -9.34 -12.26 7.04
N GLU A 69 -8.65 -13.32 6.62
CA GLU A 69 -8.72 -14.60 7.34
C GLU A 69 -8.30 -14.42 8.80
N GLU A 70 -7.41 -13.47 9.04
CA GLU A 70 -6.92 -13.20 10.39
C GLU A 70 -7.73 -12.09 11.05
N LYS A 71 -8.66 -11.52 10.29
CA LYS A 71 -9.50 -10.43 10.81
C LYS A 71 -10.75 -10.99 11.48
N LYS A 72 -11.01 -12.27 11.26
CA LYS A 72 -12.18 -12.93 11.84
C LYS A 72 -12.06 -12.99 13.37
N PRO A 73 -10.93 -13.50 13.86
CA PRO A 73 -10.66 -13.62 15.29
C PRO A 73 -10.46 -12.26 15.96
N TYR A 74 -10.18 -11.25 15.15
CA TYR A 74 -9.97 -9.90 15.66
C TYR A 74 -8.71 -9.84 16.54
N GLU A 75 -7.89 -10.88 16.44
CA GLU A 75 -6.67 -10.96 17.23
C GLU A 75 -5.55 -10.15 16.56
N ARG A 76 -5.48 -10.23 15.24
CA ARG A 76 -4.46 -9.52 14.48
C ARG A 76 -4.86 -8.06 14.28
N MET A 77 -6.04 -7.85 13.71
CA MET A 77 -6.54 -6.50 13.44
C MET A 77 -6.49 -5.66 14.71
N SER A 78 -6.60 -6.32 15.87
CA SER A 78 -6.58 -5.63 17.16
C SER A 78 -5.17 -5.18 17.50
N ASP A 79 -4.22 -6.11 17.40
CA ASP A 79 -2.82 -5.82 17.70
C ASP A 79 -2.29 -4.71 16.80
N GLU A 80 -2.97 -4.49 15.68
CA GLU A 80 -2.56 -3.46 14.73
C GLU A 80 -2.62 -2.08 15.37
N ASP A 81 -3.32 -1.98 16.50
CA ASP A 81 -3.45 -0.72 17.22
C ASP A 81 -2.09 -0.06 17.41
N ARG A 82 -1.05 -0.87 17.53
CA ARG A 82 0.31 -0.37 17.73
C ARG A 82 0.96 -0.04 16.39
N VAL A 83 1.14 -1.05 15.55
CA VAL A 83 1.75 -0.88 14.24
C VAL A 83 1.04 0.21 13.45
N ARG A 84 -0.23 0.45 13.78
CA ARG A 84 -1.02 1.47 13.10
C ARG A 84 -0.27 2.79 13.03
N TYR A 85 0.55 3.06 14.04
CA TYR A 85 1.33 4.28 14.09
C TYR A 85 2.33 4.34 12.95
N GLU A 86 2.98 3.21 12.68
CA GLU A 86 3.97 3.14 11.62
C GLU A 86 3.29 2.94 10.26
N ARG A 87 2.17 2.24 10.27
CA ARG A 87 1.42 1.98 9.04
C ARG A 87 0.96 3.29 8.40
N GLU A 88 0.42 4.19 9.21
CA GLU A 88 -0.06 5.47 8.72
C GLU A 88 1.05 6.22 8.00
N LYS A 89 2.29 5.93 8.37
CA LYS A 89 3.45 6.59 7.76
C LYS A 89 3.40 6.47 6.24
N ALA A 90 3.06 5.28 5.76
CA ALA A 90 2.97 5.05 4.32
C ALA A 90 2.09 6.08 3.64
N GLU A 91 0.82 6.13 4.05
CA GLU A 91 -0.13 7.08 3.49
C GLU A 91 0.36 8.52 3.67
N TYR A 92 1.21 8.72 4.66
CA TYR A 92 1.76 10.05 4.94
C TYR A 92 2.83 10.42 3.93
N ALA A 93 3.69 9.47 3.59
CA ALA A 93 4.76 9.69 2.64
C ALA A 93 4.22 9.78 1.22
N GLN A 94 3.00 9.29 1.02
CA GLN A 94 2.37 9.32 -0.29
C GLN A 94 1.84 10.71 -0.62
N ARG A 95 1.17 11.32 0.35
CA ARG A 95 0.61 12.66 0.17
C ARG A 95 1.68 13.63 -0.33
N LYS A 96 2.93 13.37 0.05
CA LYS A 96 4.04 14.22 -0.36
C LYS A 96 4.60 13.77 -1.71
N VAL A 97 4.85 12.47 -1.83
CA VAL A 97 5.37 11.90 -3.07
C VAL A 97 4.41 10.91 -3.70
N MET A 1 10.22 -3.82 -22.67
CA MET A 1 10.33 -2.61 -23.49
C MET A 1 9.34 -2.66 -24.65
N ALA A 2 8.80 -1.50 -25.02
CA ALA A 2 7.85 -1.41 -26.11
C ALA A 2 8.52 -1.72 -27.45
N GLY A 3 7.77 -1.55 -28.54
CA GLY A 3 8.31 -1.81 -29.85
C GLY A 3 7.35 -2.59 -30.73
N ALA A 4 6.20 -1.98 -31.03
CA ALA A 4 5.19 -2.63 -31.87
C ALA A 4 5.78 -3.08 -33.20
N SER A 5 6.06 -4.38 -33.30
CA SER A 5 6.65 -4.94 -34.51
C SER A 5 5.75 -6.04 -35.08
N ASP A 6 5.12 -6.80 -34.18
CA ASP A 6 4.25 -7.89 -34.59
C ASP A 6 2.79 -7.47 -34.51
N ARG A 7 2.29 -7.25 -33.30
CA ARG A 7 0.91 -6.84 -33.09
C ARG A 7 0.66 -5.45 -33.68
N THR A 8 -0.54 -4.94 -33.47
CA THR A 8 -0.91 -3.63 -33.99
C THR A 8 -0.29 -2.52 -33.14
N GLY A 9 -0.10 -2.79 -31.86
CA GLY A 9 0.48 -1.80 -30.97
C GLY A 9 0.82 -2.38 -29.61
N VAL A 10 2.07 -2.81 -29.45
CA VAL A 10 2.53 -3.38 -28.18
C VAL A 10 2.55 -2.33 -27.08
N ARG A 11 1.88 -2.63 -25.98
CA ARG A 11 1.82 -1.72 -24.85
C ARG A 11 3.00 -1.94 -23.90
N ARG A 12 3.26 -0.96 -23.05
CA ARG A 12 4.36 -1.04 -22.10
C ARG A 12 3.85 -0.96 -20.66
N PRO A 13 4.61 -1.54 -19.73
CA PRO A 13 4.25 -1.55 -18.30
C PRO A 13 4.36 -0.16 -17.68
N ARG A 14 4.91 0.78 -18.42
CA ARG A 14 5.07 2.14 -17.94
C ARG A 14 3.77 2.93 -18.09
N LYS A 15 2.86 2.41 -18.90
CA LYS A 15 1.57 3.06 -19.12
C LYS A 15 0.89 3.40 -17.80
N ALA A 16 0.33 4.59 -17.72
CA ALA A 16 -0.36 5.04 -16.51
C ALA A 16 -1.59 4.18 -16.23
N LYS A 17 -2.12 3.57 -17.29
CA LYS A 17 -3.30 2.73 -17.15
C LYS A 17 -3.03 1.56 -16.21
N LYS A 18 -1.78 1.12 -16.17
CA LYS A 18 -1.39 0.00 -15.31
C LYS A 18 -1.70 0.32 -13.85
N ASP A 19 -2.46 -0.57 -13.21
CA ASP A 19 -2.82 -0.40 -11.81
C ASP A 19 -1.58 -0.26 -10.94
N PRO A 20 -1.74 0.40 -9.78
CA PRO A 20 -0.64 0.62 -8.83
C PRO A 20 -0.21 -0.67 -8.15
N ASN A 21 -1.15 -1.60 -7.99
CA ASN A 21 -0.87 -2.88 -7.36
C ASN A 21 -0.34 -2.67 -5.94
N ALA A 22 -0.93 -1.71 -5.23
CA ALA A 22 -0.52 -1.41 -3.86
C ALA A 22 -0.61 -2.65 -2.99
N PRO A 23 0.11 -2.62 -1.85
CA PRO A 23 0.13 -3.73 -0.90
C PRO A 23 -1.21 -3.91 -0.18
N LYS A 24 -1.49 -5.14 0.23
CA LYS A 24 -2.74 -5.44 0.94
C LYS A 24 -2.45 -5.95 2.34
N ARG A 25 -1.30 -5.56 2.89
CA ARG A 25 -0.91 -5.98 4.23
C ARG A 25 -0.48 -4.78 5.07
N ALA A 26 -0.71 -4.87 6.38
CA ALA A 26 -0.35 -3.80 7.29
C ALA A 26 0.96 -4.11 8.03
N LEU A 27 1.57 -3.08 8.60
CA LEU A 27 2.83 -3.26 9.33
C LEU A 27 2.71 -4.37 10.36
N SER A 28 3.64 -5.31 10.32
CA SER A 28 3.64 -6.44 11.25
C SER A 28 3.53 -5.94 12.70
N SER A 29 3.20 -6.86 13.60
CA SER A 29 3.06 -6.52 15.01
C SER A 29 4.43 -6.29 15.65
N TYR A 30 5.22 -7.36 15.72
CA TYR A 30 6.55 -7.28 16.32
C TYR A 30 7.57 -6.76 15.31
N MET A 31 7.35 -7.07 14.04
CA MET A 31 8.25 -6.63 12.97
C MET A 31 8.02 -5.15 12.65
N PHE A 32 7.00 -4.56 13.28
CA PHE A 32 6.68 -3.16 13.06
C PHE A 32 7.95 -2.30 13.04
N PHE A 33 8.93 -2.70 13.84
CA PHE A 33 10.18 -1.97 13.92
C PHE A 33 10.79 -1.78 12.53
N ALA A 34 10.96 -2.87 11.82
CA ALA A 34 11.52 -2.82 10.47
C ALA A 34 10.45 -2.51 9.43
N LYS A 35 9.30 -3.14 9.56
CA LYS A 35 8.19 -2.94 8.64
C LYS A 35 7.79 -1.46 8.59
N GLU A 36 8.14 -0.72 9.64
CA GLU A 36 7.82 0.69 9.72
C GLU A 36 8.40 1.45 8.52
N LYS A 37 9.47 0.90 7.95
CA LYS A 37 10.12 1.51 6.79
C LYS A 37 9.29 1.30 5.53
N ARG A 38 8.24 0.50 5.65
CA ARG A 38 7.37 0.21 4.51
C ARG A 38 6.95 1.50 3.80
N VAL A 39 6.86 2.58 4.58
CA VAL A 39 6.47 3.89 4.03
C VAL A 39 7.33 4.26 2.84
N GLU A 40 8.52 3.67 2.77
CA GLU A 40 9.45 3.95 1.67
C GLU A 40 8.84 3.53 0.33
N ILE A 41 7.89 2.61 0.38
CA ILE A 41 7.23 2.12 -0.82
C ILE A 41 6.61 3.27 -1.61
N ILE A 42 6.35 4.38 -0.93
CA ILE A 42 5.76 5.55 -1.56
C ILE A 42 6.54 5.95 -2.81
N ALA A 43 7.83 5.64 -2.81
CA ALA A 43 8.69 5.96 -3.96
C ALA A 43 8.51 4.95 -5.08
N GLU A 44 8.53 3.67 -4.73
CA GLU A 44 8.38 2.61 -5.71
C GLU A 44 7.03 2.71 -6.41
N ASN A 45 6.04 3.28 -5.72
CA ASN A 45 4.71 3.44 -6.27
C ASN A 45 4.35 4.92 -6.43
N PRO A 46 4.93 5.55 -7.45
CA PRO A 46 4.69 6.98 -7.74
C PRO A 46 3.28 7.23 -8.25
N GLU A 47 2.55 6.15 -8.53
CA GLU A 47 1.18 6.27 -9.03
C GLU A 47 0.29 6.98 -8.02
N ILE A 48 0.29 6.49 -6.79
CA ILE A 48 -0.51 7.08 -5.73
C ILE A 48 0.33 7.95 -4.81
N ALA A 49 1.59 8.18 -5.21
CA ALA A 49 2.50 8.99 -4.41
C ALA A 49 1.88 10.36 -4.10
N LYS A 50 1.01 10.82 -4.98
CA LYS A 50 0.34 12.11 -4.79
C LYS A 50 -1.12 11.92 -4.42
N ASP A 51 -1.41 10.83 -3.71
CA ASP A 51 -2.77 10.54 -3.29
C ASP A 51 -3.08 11.18 -1.94
N VAL A 52 -3.68 12.37 -1.98
CA VAL A 52 -4.03 13.10 -0.76
C VAL A 52 -5.30 12.54 -0.14
N ALA A 53 -6.13 11.91 -0.97
CA ALA A 53 -7.38 11.34 -0.49
C ALA A 53 -7.15 9.99 0.19
N ALA A 54 -6.06 9.33 -0.19
CA ALA A 54 -5.72 8.03 0.38
C ALA A 54 -5.59 8.12 1.90
N ILE A 55 -5.30 9.32 2.39
CA ILE A 55 -5.15 9.53 3.82
C ILE A 55 -6.50 9.52 4.53
N GLY A 56 -7.55 9.85 3.79
CA GLY A 56 -8.89 9.88 4.36
C GLY A 56 -9.53 8.51 4.37
N LYS A 57 -9.22 7.70 3.37
CA LYS A 57 -9.78 6.35 3.26
C LYS A 57 -9.00 5.37 4.11
N MET A 58 -7.75 5.72 4.41
CA MET A 58 -6.89 4.87 5.23
C MET A 58 -7.60 4.45 6.52
N ILE A 59 -8.48 5.31 7.01
CA ILE A 59 -9.22 5.04 8.23
C ILE A 59 -10.02 3.75 8.10
N GLY A 60 -10.96 3.74 7.15
CA GLY A 60 -11.79 2.56 6.94
C GLY A 60 -10.99 1.37 6.45
N ALA A 61 -9.81 1.63 5.89
CA ALA A 61 -8.95 0.57 5.38
C ALA A 61 -8.25 -0.16 6.52
N ALA A 62 -8.17 0.50 7.68
CA ALA A 62 -7.52 -0.09 8.84
C ALA A 62 -8.08 -1.48 9.13
N TRP A 63 -9.35 -1.70 8.79
CA TRP A 63 -9.99 -2.98 9.01
C TRP A 63 -9.47 -4.03 8.03
N ASN A 64 -9.29 -3.62 6.79
CA ASN A 64 -8.79 -4.53 5.75
C ASN A 64 -7.28 -4.42 5.62
N ALA A 65 -6.64 -3.78 6.59
CA ALA A 65 -5.20 -3.60 6.58
C ALA A 65 -4.49 -4.92 6.89
N LEU A 66 -5.08 -5.70 7.79
CA LEU A 66 -4.50 -6.98 8.17
C LEU A 66 -5.00 -8.10 7.26
N SER A 67 -4.47 -9.30 7.46
CA SER A 67 -4.85 -10.45 6.65
C SER A 67 -6.33 -10.78 6.83
N ASP A 68 -6.97 -11.25 5.77
CA ASP A 68 -8.39 -11.59 5.82
C ASP A 68 -8.61 -12.84 6.67
N GLU A 69 -7.83 -13.88 6.40
CA GLU A 69 -7.95 -15.14 7.15
C GLU A 69 -7.76 -14.90 8.64
N GLU A 70 -6.95 -13.90 8.97
CA GLU A 70 -6.68 -13.57 10.37
C GLU A 70 -7.60 -12.48 10.86
N LYS A 71 -8.44 -11.97 9.96
CA LYS A 71 -9.39 -10.91 10.30
C LYS A 71 -10.70 -11.49 10.82
N LYS A 72 -10.88 -12.78 10.61
CA LYS A 72 -12.10 -13.46 11.06
C LYS A 72 -12.18 -13.48 12.58
N PRO A 73 -11.09 -13.94 13.23
CA PRO A 73 -11.01 -14.02 14.69
C PRO A 73 -10.94 -12.64 15.33
N TYR A 74 -10.63 -11.63 14.53
CA TYR A 74 -10.52 -10.27 15.03
C TYR A 74 -9.38 -10.13 16.03
N GLU A 75 -8.49 -11.13 16.04
CA GLU A 75 -7.36 -11.14 16.95
C GLU A 75 -6.22 -10.28 16.39
N ARG A 76 -5.81 -10.58 15.18
CA ARG A 76 -4.73 -9.84 14.53
C ARG A 76 -5.14 -8.39 14.26
N MET A 77 -6.28 -8.22 13.61
CA MET A 77 -6.78 -6.88 13.30
C MET A 77 -6.93 -6.05 14.56
N SER A 78 -7.09 -6.72 15.69
CA SER A 78 -7.24 -6.04 16.97
C SER A 78 -5.92 -5.48 17.46
N ASP A 79 -4.88 -6.33 17.46
CA ASP A 79 -3.56 -5.91 17.89
C ASP A 79 -3.03 -4.78 17.03
N GLU A 80 -3.60 -4.62 15.84
CA GLU A 80 -3.19 -3.57 14.93
C GLU A 80 -3.41 -2.19 15.54
N ASP A 81 -4.21 -2.15 16.60
CA ASP A 81 -4.51 -0.88 17.28
C ASP A 81 -3.21 -0.13 17.60
N ARG A 82 -2.14 -0.87 17.83
CA ARG A 82 -0.85 -0.26 18.15
C ARG A 82 -0.09 0.09 16.87
N VAL A 83 0.24 -0.93 16.09
CA VAL A 83 0.96 -0.73 14.84
C VAL A 83 0.27 0.31 13.96
N ARG A 84 -1.03 0.47 14.16
CA ARG A 84 -1.82 1.42 13.38
C ARG A 84 -1.14 2.79 13.37
N TYR A 85 -0.45 3.12 14.46
CA TYR A 85 0.24 4.39 14.57
C TYR A 85 1.36 4.51 13.54
N GLU A 86 2.10 3.41 13.35
CA GLU A 86 3.19 3.38 12.39
C GLU A 86 2.67 3.13 10.98
N ARG A 87 1.59 2.37 10.88
CA ARG A 87 1.00 2.05 9.59
C ARG A 87 0.50 3.31 8.90
N GLU A 88 -0.23 4.15 9.63
CA GLU A 88 -0.76 5.39 9.08
C GLU A 88 0.36 6.26 8.51
N LYS A 89 1.57 6.07 9.04
CA LYS A 89 2.73 6.84 8.60
C LYS A 89 2.87 6.77 7.08
N ALA A 90 2.62 5.59 6.51
CA ALA A 90 2.71 5.40 5.07
C ALA A 90 1.91 6.45 4.32
N GLU A 91 0.67 6.67 4.75
CA GLU A 91 -0.20 7.65 4.13
C GLU A 91 0.22 9.07 4.48
N TYR A 92 0.86 9.22 5.64
CA TYR A 92 1.31 10.51 6.10
C TYR A 92 2.43 11.05 5.20
N ALA A 93 3.33 10.17 4.81
CA ALA A 93 4.44 10.54 3.95
C ALA A 93 4.01 10.62 2.49
N GLN A 94 2.83 10.09 2.19
CA GLN A 94 2.30 10.10 0.84
C GLN A 94 1.80 11.48 0.46
N ARG A 95 1.13 12.14 1.40
CA ARG A 95 0.60 13.48 1.17
C ARG A 95 1.71 14.45 0.78
N LYS A 96 2.92 14.18 1.27
CA LYS A 96 4.07 15.03 0.97
C LYS A 96 4.37 15.03 -0.53
N VAL A 97 4.65 13.86 -1.07
CA VAL A 97 4.96 13.72 -2.50
C VAL A 97 3.70 13.89 -3.34
N MET A 1 11.42 -1.61 -18.41
CA MET A 1 10.89 -0.26 -18.40
C MET A 1 10.44 0.15 -19.80
N ALA A 2 9.44 1.03 -19.85
CA ALA A 2 8.91 1.51 -21.13
C ALA A 2 9.96 2.32 -21.88
N GLY A 3 9.58 2.83 -23.05
CA GLY A 3 10.50 3.60 -23.86
C GLY A 3 11.37 2.76 -24.76
N ALA A 4 10.86 2.45 -25.95
CA ALA A 4 11.61 1.64 -26.90
C ALA A 4 11.43 2.17 -28.33
N SER A 5 12.23 1.63 -29.25
CA SER A 5 12.17 2.05 -30.65
C SER A 5 11.68 0.91 -31.54
N ASP A 6 10.62 0.23 -31.10
CA ASP A 6 10.05 -0.87 -31.86
C ASP A 6 8.59 -0.60 -32.22
N ARG A 7 7.88 0.05 -31.31
CA ARG A 7 6.47 0.37 -31.53
C ARG A 7 6.23 1.86 -31.35
N THR A 8 4.99 2.29 -31.63
CA THR A 8 4.62 3.70 -31.50
C THR A 8 3.91 3.96 -30.17
N GLY A 9 4.19 3.11 -29.18
CA GLY A 9 3.56 3.27 -27.88
C GLY A 9 3.68 2.02 -27.03
N VAL A 10 4.90 1.64 -26.70
CA VAL A 10 5.14 0.45 -25.88
C VAL A 10 4.46 0.57 -24.53
N ARG A 11 3.46 -0.27 -24.31
CA ARG A 11 2.72 -0.26 -23.05
C ARG A 11 3.63 -0.65 -21.88
N ARG A 12 3.35 -0.09 -20.71
CA ARG A 12 4.15 -0.37 -19.52
C ARG A 12 3.28 -1.02 -18.44
N PRO A 13 3.94 -1.74 -17.52
CA PRO A 13 3.26 -2.43 -16.42
C PRO A 13 2.68 -1.46 -15.39
N ARG A 14 3.13 -0.21 -15.45
CA ARG A 14 2.67 0.81 -14.53
C ARG A 14 1.54 1.63 -15.15
N LYS A 15 0.86 1.04 -16.13
CA LYS A 15 -0.24 1.71 -16.81
C LYS A 15 -1.30 2.17 -15.81
N ALA A 16 -1.94 3.29 -16.11
CA ALA A 16 -2.98 3.83 -15.24
C ALA A 16 -4.24 2.97 -15.29
N LYS A 17 -4.69 2.66 -16.50
CA LYS A 17 -5.89 1.85 -16.68
C LYS A 17 -5.72 0.47 -16.05
N LYS A 18 -4.46 0.03 -15.93
CA LYS A 18 -4.16 -1.26 -15.32
C LYS A 18 -4.28 -1.20 -13.81
N ASP A 19 -5.00 -2.17 -13.24
CA ASP A 19 -5.20 -2.23 -11.80
C ASP A 19 -3.86 -2.33 -11.07
N PRO A 20 -3.84 -1.89 -9.81
CA PRO A 20 -2.63 -1.92 -8.99
C PRO A 20 -2.23 -3.35 -8.60
N ASN A 21 -3.22 -4.15 -8.24
CA ASN A 21 -2.97 -5.54 -7.86
C ASN A 21 -1.90 -5.62 -6.77
N ALA A 22 -2.01 -4.76 -5.76
CA ALA A 22 -1.05 -4.73 -4.67
C ALA A 22 -1.65 -5.33 -3.40
N PRO A 23 -0.77 -5.74 -2.47
CA PRO A 23 -1.19 -6.33 -1.20
C PRO A 23 -1.86 -5.32 -0.28
N LYS A 24 -2.80 -5.79 0.54
CA LYS A 24 -3.50 -4.93 1.47
C LYS A 24 -3.19 -5.30 2.92
N ARG A 25 -2.03 -5.91 3.12
CA ARG A 25 -1.60 -6.32 4.46
C ARG A 25 -0.84 -5.19 5.16
N ALA A 26 -1.02 -5.10 6.47
CA ALA A 26 -0.36 -4.07 7.26
C ALA A 26 0.99 -4.55 7.77
N LEU A 27 1.82 -3.61 8.23
CA LEU A 27 3.15 -3.94 8.74
C LEU A 27 3.04 -4.92 9.90
N SER A 28 3.82 -6.00 9.83
CA SER A 28 3.82 -7.01 10.88
C SER A 28 4.03 -6.38 12.26
N SER A 29 3.79 -7.16 13.29
CA SER A 29 3.95 -6.68 14.67
C SER A 29 5.43 -6.58 15.04
N TYR A 30 6.09 -7.73 15.11
CA TYR A 30 7.50 -7.78 15.46
C TYR A 30 8.38 -7.50 14.24
N MET A 31 7.92 -7.96 13.08
CA MET A 31 8.67 -7.76 11.84
C MET A 31 8.55 -6.32 11.36
N PHE A 32 7.74 -5.53 12.07
CA PHE A 32 7.53 -4.12 11.71
C PHE A 32 8.86 -3.45 11.38
N PHE A 33 9.91 -3.88 12.08
CA PHE A 33 11.24 -3.31 11.86
C PHE A 33 11.60 -3.33 10.37
N ALA A 34 11.48 -4.49 9.75
CA ALA A 34 11.79 -4.64 8.33
C ALA A 34 10.61 -4.23 7.46
N LYS A 35 9.41 -4.63 7.88
CA LYS A 35 8.20 -4.31 7.14
C LYS A 35 8.02 -2.80 7.01
N GLU A 36 8.68 -2.05 7.89
CA GLU A 36 8.60 -0.59 7.86
C GLU A 36 9.05 -0.05 6.50
N LYS A 37 9.87 -0.84 5.80
CA LYS A 37 10.35 -0.43 4.49
C LYS A 37 9.29 -0.63 3.42
N ARG A 38 8.18 -1.25 3.80
CA ARG A 38 7.09 -1.50 2.86
C ARG A 38 6.69 -0.22 2.14
N VAL A 39 6.88 0.91 2.80
CA VAL A 39 6.54 2.21 2.22
C VAL A 39 7.23 2.40 0.87
N GLU A 40 8.32 1.65 0.66
CA GLU A 40 9.06 1.74 -0.59
C GLU A 40 8.21 1.29 -1.77
N ILE A 41 7.22 0.45 -1.49
CA ILE A 41 6.32 -0.06 -2.52
C ILE A 41 5.62 1.09 -3.26
N ILE A 42 5.59 2.25 -2.61
CA ILE A 42 4.94 3.42 -3.21
C ILE A 42 5.47 3.69 -4.61
N ALA A 43 6.72 3.31 -4.85
CA ALA A 43 7.35 3.50 -6.15
C ALA A 43 6.92 2.41 -7.13
N GLU A 44 7.05 1.16 -6.71
CA GLU A 44 6.67 0.03 -7.55
C GLU A 44 5.21 0.11 -7.96
N ASN A 45 4.42 0.80 -7.14
CA ASN A 45 2.99 0.95 -7.41
C ASN A 45 2.64 2.42 -7.62
N PRO A 46 3.01 2.95 -8.80
CA PRO A 46 2.74 4.35 -9.16
C PRO A 46 1.25 4.61 -9.40
N GLU A 47 0.46 3.54 -9.41
CA GLU A 47 -0.98 3.66 -9.63
C GLU A 47 -1.62 4.49 -8.54
N ILE A 48 -1.37 4.10 -7.28
CA ILE A 48 -1.93 4.81 -6.13
C ILE A 48 -0.89 5.70 -5.47
N ALA A 49 0.27 5.83 -6.13
CA ALA A 49 1.34 6.66 -5.60
C ALA A 49 0.85 8.05 -5.24
N LYS A 50 0.26 8.74 -6.22
CA LYS A 50 -0.26 10.08 -6.01
C LYS A 50 -1.77 10.05 -5.74
N ASP A 51 -2.22 8.97 -5.11
CA ASP A 51 -3.63 8.81 -4.79
C ASP A 51 -4.05 9.77 -3.67
N VAL A 52 -4.81 10.80 -4.03
CA VAL A 52 -5.26 11.78 -3.06
C VAL A 52 -6.47 11.26 -2.28
N ALA A 53 -7.20 10.34 -2.88
CA ALA A 53 -8.38 9.75 -2.24
C ALA A 53 -7.98 8.68 -1.23
N ALA A 54 -6.80 8.09 -1.43
CA ALA A 54 -6.30 7.06 -0.54
C ALA A 54 -6.20 7.57 0.90
N ILE A 55 -6.10 8.88 1.05
CA ILE A 55 -5.99 9.50 2.36
C ILE A 55 -7.33 9.46 3.10
N GLY A 56 -8.41 9.51 2.34
CA GLY A 56 -9.74 9.47 2.94
C GLY A 56 -10.21 8.06 3.22
N LYS A 57 -9.77 7.11 2.39
CA LYS A 57 -10.15 5.72 2.55
C LYS A 57 -9.26 5.02 3.58
N MET A 58 -8.08 5.60 3.82
CA MET A 58 -7.15 5.04 4.79
C MET A 58 -7.84 4.75 6.12
N ILE A 59 -8.86 5.54 6.44
CA ILE A 59 -9.61 5.37 7.68
C ILE A 59 -10.10 3.93 7.83
N GLY A 60 -10.94 3.50 6.90
CA GLY A 60 -11.47 2.15 6.94
C GLY A 60 -10.42 1.10 6.62
N ALA A 61 -9.35 1.53 5.95
CA ALA A 61 -8.26 0.62 5.59
C ALA A 61 -7.34 0.38 6.77
N ALA A 62 -7.41 1.25 7.77
CA ALA A 62 -6.58 1.13 8.96
C ALA A 62 -6.75 -0.23 9.61
N TRP A 63 -7.98 -0.54 10.01
CA TRP A 63 -8.28 -1.82 10.65
C TRP A 63 -8.48 -2.92 9.61
N ASN A 64 -8.87 -2.53 8.41
CA ASN A 64 -9.11 -3.48 7.33
C ASN A 64 -7.80 -3.88 6.67
N ALA A 65 -6.70 -3.27 7.11
CA ALA A 65 -5.38 -3.57 6.57
C ALA A 65 -4.89 -4.94 7.03
N LEU A 66 -5.37 -5.36 8.21
CA LEU A 66 -4.98 -6.65 8.77
C LEU A 66 -5.74 -7.79 8.10
N SER A 67 -5.42 -9.02 8.48
CA SER A 67 -6.07 -10.19 7.93
C SER A 67 -7.56 -10.18 8.23
N ASP A 68 -8.35 -10.75 7.31
CA ASP A 68 -9.79 -10.80 7.47
C ASP A 68 -10.18 -11.86 8.49
N GLU A 69 -9.68 -13.08 8.30
CA GLU A 69 -9.98 -14.18 9.21
C GLU A 69 -9.56 -13.84 10.63
N GLU A 70 -8.55 -12.99 10.76
CA GLU A 70 -8.05 -12.59 12.07
C GLU A 70 -8.71 -11.28 12.52
N LYS A 71 -9.55 -10.72 11.66
CA LYS A 71 -10.23 -9.47 11.96
C LYS A 71 -11.54 -9.74 12.70
N LYS A 72 -11.98 -10.99 12.68
CA LYS A 72 -13.22 -11.38 13.36
C LYS A 72 -13.10 -11.20 14.87
N PRO A 73 -12.03 -11.78 15.44
CA PRO A 73 -11.78 -11.71 16.89
C PRO A 73 -11.37 -10.31 17.32
N TYR A 74 -11.05 -9.46 16.37
CA TYR A 74 -10.64 -8.09 16.65
C TYR A 74 -9.33 -8.05 17.44
N GLU A 75 -8.64 -9.20 17.46
CA GLU A 75 -7.38 -9.30 18.17
C GLU A 75 -6.23 -8.76 17.33
N ARG A 76 -6.11 -9.25 16.10
CA ARG A 76 -5.06 -8.81 15.19
C ARG A 76 -5.19 -7.32 14.89
N MET A 77 -6.35 -6.91 14.39
CA MET A 77 -6.59 -5.52 14.06
C MET A 77 -6.37 -4.63 15.28
N SER A 78 -6.48 -5.22 16.47
CA SER A 78 -6.29 -4.47 17.71
C SER A 78 -4.81 -4.17 17.95
N ASP A 79 -3.99 -5.21 17.85
CA ASP A 79 -2.55 -5.05 18.05
C ASP A 79 -1.96 -4.07 17.05
N GLU A 80 -2.68 -3.85 15.96
CA GLU A 80 -2.22 -2.93 14.91
C GLU A 80 -2.10 -1.51 15.47
N ASP A 81 -2.71 -1.27 16.61
CA ASP A 81 -2.66 0.04 17.24
C ASP A 81 -1.23 0.57 17.33
N ARG A 82 -0.28 -0.36 17.44
CA ARG A 82 1.13 0.01 17.53
C ARG A 82 1.73 0.20 16.14
N VAL A 83 1.76 -0.88 15.36
CA VAL A 83 2.30 -0.83 14.01
C VAL A 83 1.66 0.29 13.20
N ARG A 84 0.43 0.65 13.56
CA ARG A 84 -0.29 1.71 12.86
C ARG A 84 0.59 2.95 12.70
N TYR A 85 1.46 3.18 13.68
CA TYR A 85 2.35 4.33 13.64
C TYR A 85 3.28 4.26 12.43
N GLU A 86 3.82 3.08 12.18
CA GLU A 86 4.73 2.87 11.06
C GLU A 86 3.95 2.67 9.75
N ARG A 87 2.79 2.05 9.87
CA ARG A 87 1.94 1.79 8.70
C ARG A 87 1.50 3.09 8.05
N GLU A 88 1.01 4.02 8.88
CA GLU A 88 0.54 5.31 8.39
C GLU A 88 1.63 6.00 7.57
N LYS A 89 2.88 5.68 7.86
CA LYS A 89 4.01 6.28 7.16
C LYS A 89 3.87 6.09 5.65
N ALA A 90 3.43 4.91 5.24
CA ALA A 90 3.24 4.61 3.83
C ALA A 90 2.36 5.66 3.16
N GLU A 91 1.14 5.81 3.66
CA GLU A 91 0.20 6.79 3.10
C GLU A 91 0.76 8.20 3.21
N TYR A 92 1.73 8.38 4.10
CA TYR A 92 2.34 9.69 4.30
C TYR A 92 3.41 9.96 3.24
N ALA A 93 4.03 8.89 2.76
CA ALA A 93 5.07 9.00 1.73
C ALA A 93 4.46 9.05 0.34
N GLN A 94 3.22 8.61 0.23
CA GLN A 94 2.52 8.60 -1.05
C GLN A 94 2.07 10.02 -1.43
N ARG A 95 1.73 10.81 -0.43
CA ARG A 95 1.28 12.18 -0.66
C ARG A 95 2.46 13.10 -0.96
N LYS A 96 3.64 12.71 -0.47
CA LYS A 96 4.85 13.50 -0.70
C LYS A 96 5.68 12.92 -1.83
N VAL A 97 5.14 11.91 -2.49
CA VAL A 97 5.82 11.26 -3.61
C VAL A 97 6.28 12.29 -4.64
N MET A 1 7.97 -0.42 -24.91
CA MET A 1 8.42 -1.34 -25.97
C MET A 1 7.55 -2.58 -26.02
N ALA A 2 6.28 -2.39 -26.42
CA ALA A 2 5.34 -3.50 -26.51
C ALA A 2 5.53 -4.27 -27.82
N GLY A 3 4.74 -5.32 -28.00
CA GLY A 3 4.82 -6.11 -29.20
C GLY A 3 5.95 -7.13 -29.15
N ALA A 4 6.09 -7.79 -28.00
CA ALA A 4 7.14 -8.79 -27.82
C ALA A 4 6.64 -10.19 -28.16
N SER A 5 5.34 -10.40 -27.98
CA SER A 5 4.72 -11.70 -28.26
C SER A 5 5.31 -12.78 -27.36
N ASP A 6 5.57 -12.41 -26.10
CA ASP A 6 6.12 -13.34 -25.13
C ASP A 6 5.11 -13.65 -24.03
N ARG A 7 4.48 -12.61 -23.51
CA ARG A 7 3.49 -12.77 -22.45
C ARG A 7 2.07 -12.50 -22.97
N THR A 8 1.09 -12.70 -22.12
CA THR A 8 -0.30 -12.47 -22.49
C THR A 8 -0.52 -11.02 -22.93
N GLY A 9 0.33 -10.12 -22.45
CA GLY A 9 0.21 -8.72 -22.81
C GLY A 9 1.38 -7.90 -22.31
N VAL A 10 2.42 -7.78 -23.13
CA VAL A 10 3.60 -7.01 -22.76
C VAL A 10 3.23 -5.60 -22.32
N ARG A 11 3.70 -5.22 -21.14
CA ARG A 11 3.42 -3.90 -20.59
C ARG A 11 4.11 -2.81 -21.42
N ARG A 12 3.44 -1.69 -21.59
CA ARG A 12 3.98 -0.57 -22.35
C ARG A 12 3.92 0.72 -21.55
N PRO A 13 4.77 1.69 -21.91
CA PRO A 13 4.84 2.99 -21.24
C PRO A 13 3.61 3.84 -21.51
N ARG A 14 2.88 3.51 -22.57
CA ARG A 14 1.69 4.24 -22.94
C ARG A 14 0.42 3.49 -22.50
N LYS A 15 0.58 2.63 -21.49
CA LYS A 15 -0.54 1.85 -20.98
C LYS A 15 -1.72 2.76 -20.62
N ALA A 16 -2.80 2.67 -21.37
CA ALA A 16 -3.99 3.47 -21.13
C ALA A 16 -4.54 3.22 -19.73
N LYS A 17 -4.18 2.08 -19.16
CA LYS A 17 -4.64 1.71 -17.82
C LYS A 17 -3.62 2.13 -16.76
N LYS A 18 -3.03 3.31 -16.94
CA LYS A 18 -2.04 3.82 -16.01
C LYS A 18 -2.58 3.78 -14.57
N ASP A 19 -2.05 2.87 -13.78
CA ASP A 19 -2.46 2.72 -12.39
C ASP A 19 -1.26 2.63 -11.46
N PRO A 20 -1.46 3.01 -10.19
CA PRO A 20 -0.40 2.98 -9.18
C PRO A 20 0.00 1.56 -8.79
N ASN A 21 -1.00 0.68 -8.67
CA ASN A 21 -0.77 -0.70 -8.31
C ASN A 21 0.07 -0.80 -7.04
N ALA A 22 -0.08 0.19 -6.16
CA ALA A 22 0.66 0.21 -4.91
C ALA A 22 0.24 -0.93 -3.99
N PRO A 23 1.09 -1.26 -3.02
CA PRO A 23 0.82 -2.34 -2.06
C PRO A 23 -0.30 -1.98 -1.09
N LYS A 24 -1.08 -2.98 -0.69
CA LYS A 24 -2.18 -2.78 0.24
C LYS A 24 -2.03 -3.67 1.46
N ARG A 25 -0.80 -4.07 1.76
CA ARG A 25 -0.53 -4.93 2.90
C ARG A 25 0.06 -4.12 4.05
N ALA A 26 -0.63 -4.13 5.20
CA ALA A 26 -0.17 -3.40 6.36
C ALA A 26 1.12 -3.99 6.91
N LEU A 27 1.91 -3.17 7.59
CA LEU A 27 3.17 -3.61 8.17
C LEU A 27 2.98 -4.87 9.00
N SER A 28 3.75 -5.90 8.69
CA SER A 28 3.67 -7.16 9.42
C SER A 28 3.78 -6.93 10.93
N SER A 29 3.47 -7.98 11.70
CA SER A 29 3.53 -7.89 13.15
C SER A 29 4.97 -7.90 13.65
N TYR A 30 5.65 -9.03 13.44
CA TYR A 30 7.03 -9.18 13.87
C TYR A 30 7.99 -8.59 12.84
N MET A 31 7.62 -8.70 11.57
CA MET A 31 8.44 -8.18 10.48
C MET A 31 8.34 -6.66 10.41
N PHE A 32 7.47 -6.08 11.24
CA PHE A 32 7.29 -4.64 11.27
C PHE A 32 8.62 -3.91 11.24
N PHE A 33 9.63 -4.53 11.84
CA PHE A 33 10.97 -3.93 11.89
C PHE A 33 11.43 -3.55 10.49
N ALA A 34 11.34 -4.48 9.55
CA ALA A 34 11.75 -4.23 8.18
C ALA A 34 10.63 -3.58 7.38
N LYS A 35 9.41 -4.07 7.57
CA LYS A 35 8.25 -3.53 6.87
C LYS A 35 8.08 -2.05 7.17
N GLU A 36 8.65 -1.60 8.28
CA GLU A 36 8.56 -0.20 8.68
C GLU A 36 9.10 0.72 7.59
N LYS A 37 9.97 0.18 6.74
CA LYS A 37 10.55 0.95 5.65
C LYS A 37 9.57 1.08 4.48
N ARG A 38 8.45 0.36 4.58
CA ARG A 38 7.43 0.39 3.54
C ARG A 38 7.05 1.83 3.20
N VAL A 39 7.13 2.71 4.19
CA VAL A 39 6.81 4.12 4.00
C VAL A 39 7.63 4.73 2.88
N GLU A 40 8.75 4.09 2.56
CA GLU A 40 9.64 4.57 1.51
C GLU A 40 8.96 4.48 0.15
N ILE A 41 8.02 3.54 0.01
CA ILE A 41 7.31 3.35 -1.23
C ILE A 41 6.64 4.63 -1.70
N ILE A 42 6.41 5.54 -0.75
CA ILE A 42 5.78 6.82 -1.07
C ILE A 42 6.49 7.51 -2.22
N ALA A 43 7.79 7.26 -2.35
CA ALA A 43 8.58 7.86 -3.42
C ALA A 43 8.42 7.08 -4.72
N GLU A 44 8.53 5.76 -4.64
CA GLU A 44 8.39 4.91 -5.81
C GLU A 44 7.03 5.09 -6.46
N ASN A 45 6.05 5.52 -5.67
CA ASN A 45 4.69 5.73 -6.17
C ASN A 45 4.26 7.17 -5.95
N PRO A 46 4.77 8.07 -6.81
CA PRO A 46 4.45 9.50 -6.73
C PRO A 46 3.01 9.79 -7.15
N GLU A 47 2.33 8.77 -7.67
CA GLU A 47 0.95 8.92 -8.10
C GLU A 47 0.05 9.31 -6.94
N ILE A 48 0.10 8.54 -5.85
CA ILE A 48 -0.70 8.80 -4.67
C ILE A 48 0.13 9.45 -3.58
N ALA A 49 1.37 9.79 -3.90
CA ALA A 49 2.28 10.41 -2.94
C ALA A 49 1.61 11.59 -2.24
N LYS A 50 1.08 12.52 -3.04
CA LYS A 50 0.42 13.70 -2.50
C LYS A 50 -1.10 13.51 -2.50
N ASP A 51 -1.53 12.27 -2.32
CA ASP A 51 -2.95 11.96 -2.28
C ASP A 51 -3.59 12.45 -1.00
N VAL A 52 -4.43 13.48 -1.12
CA VAL A 52 -5.11 14.06 0.03
C VAL A 52 -6.29 13.21 0.46
N ALA A 53 -6.89 12.51 -0.51
CA ALA A 53 -8.03 11.65 -0.24
C ALA A 53 -7.61 10.40 0.52
N ALA A 54 -6.34 10.02 0.38
CA ALA A 54 -5.82 8.84 1.04
C ALA A 54 -5.95 8.97 2.56
N ILE A 55 -5.99 10.19 3.04
CA ILE A 55 -6.12 10.46 4.48
C ILE A 55 -7.56 10.23 4.95
N GLY A 56 -8.51 10.44 4.04
CA GLY A 56 -9.91 10.25 4.38
C GLY A 56 -10.35 8.81 4.26
N LYS A 57 -9.74 8.08 3.34
CA LYS A 57 -10.08 6.68 3.12
C LYS A 57 -9.33 5.79 4.10
N MET A 58 -8.22 6.30 4.63
CA MET A 58 -7.41 5.55 5.59
C MET A 58 -8.28 4.99 6.72
N ILE A 59 -9.35 5.70 7.04
CA ILE A 59 -10.26 5.28 8.10
C ILE A 59 -10.87 3.92 7.78
N GLY A 60 -11.52 3.82 6.63
CA GLY A 60 -12.14 2.57 6.24
C GLY A 60 -11.12 1.55 5.77
N ALA A 61 -9.95 2.01 5.36
CA ALA A 61 -8.89 1.13 4.89
C ALA A 61 -8.09 0.56 6.06
N ALA A 62 -8.21 1.21 7.21
CA ALA A 62 -7.50 0.75 8.40
C ALA A 62 -7.74 -0.73 8.66
N TRP A 63 -9.01 -1.11 8.73
CA TRP A 63 -9.37 -2.50 8.97
C TRP A 63 -9.06 -3.37 7.76
N ASN A 64 -9.01 -2.75 6.58
CA ASN A 64 -8.72 -3.46 5.34
C ASN A 64 -7.23 -3.43 5.04
N ALA A 65 -6.43 -3.01 6.02
CA ALA A 65 -4.99 -2.94 5.85
C ALA A 65 -4.36 -4.33 5.85
N LEU A 66 -4.92 -5.23 6.65
CA LEU A 66 -4.42 -6.59 6.74
C LEU A 66 -5.04 -7.47 5.66
N SER A 67 -4.62 -8.74 5.62
CA SER A 67 -5.14 -9.67 4.63
C SER A 67 -6.63 -9.88 4.81
N ASP A 68 -7.33 -10.09 3.69
CA ASP A 68 -8.78 -10.30 3.72
C ASP A 68 -9.11 -11.67 4.31
N GLU A 69 -8.50 -12.71 3.76
CA GLU A 69 -8.74 -14.07 4.23
C GLU A 69 -8.41 -14.21 5.71
N GLU A 70 -7.50 -13.36 6.18
CA GLU A 70 -7.08 -13.37 7.57
C GLU A 70 -7.87 -12.37 8.40
N LYS A 71 -8.74 -11.62 7.72
CA LYS A 71 -9.56 -10.61 8.38
C LYS A 71 -10.88 -11.22 8.86
N LYS A 72 -11.18 -12.43 8.40
CA LYS A 72 -12.40 -13.12 8.79
C LYS A 72 -12.38 -13.46 10.28
N PRO A 73 -11.29 -14.10 10.73
CA PRO A 73 -11.13 -14.50 12.13
C PRO A 73 -10.92 -13.30 13.05
N TYR A 74 -10.62 -12.14 12.45
CA TYR A 74 -10.39 -10.93 13.21
C TYR A 74 -9.17 -11.07 14.13
N GLU A 75 -8.35 -12.08 13.85
CA GLU A 75 -7.15 -12.33 14.64
C GLU A 75 -6.00 -11.42 14.19
N ARG A 76 -5.67 -11.50 12.91
CA ARG A 76 -4.59 -10.69 12.34
C ARG A 76 -4.94 -9.21 12.43
N MET A 77 -6.10 -8.83 11.89
CA MET A 77 -6.54 -7.45 11.90
C MET A 77 -6.54 -6.89 13.32
N SER A 78 -6.69 -7.77 14.30
CA SER A 78 -6.71 -7.36 15.70
C SER A 78 -5.31 -7.02 16.19
N ASP A 79 -4.37 -7.90 15.92
CA ASP A 79 -2.97 -7.68 16.33
C ASP A 79 -2.43 -6.41 15.72
N GLU A 80 -3.06 -5.95 14.64
CA GLU A 80 -2.63 -4.74 13.96
C GLU A 80 -2.72 -3.52 14.89
N ASP A 81 -3.45 -3.68 15.98
CA ASP A 81 -3.62 -2.60 16.95
C ASP A 81 -2.28 -2.01 17.35
N ARG A 82 -1.24 -2.84 17.31
CA ARG A 82 0.11 -2.40 17.67
C ARG A 82 0.81 -1.78 16.47
N VAL A 83 1.02 -2.58 15.43
CA VAL A 83 1.68 -2.11 14.23
C VAL A 83 1.00 -0.87 13.67
N ARG A 84 -0.29 -0.71 13.99
CA ARG A 84 -1.06 0.43 13.53
C ARG A 84 -0.31 1.73 13.77
N TYR A 85 0.47 1.77 14.85
CA TYR A 85 1.24 2.95 15.20
C TYR A 85 2.27 3.27 14.12
N GLU A 86 2.93 2.24 13.63
CA GLU A 86 3.95 2.40 12.60
C GLU A 86 3.31 2.50 11.21
N ARG A 87 2.18 1.84 11.04
CA ARG A 87 1.47 1.85 9.78
C ARG A 87 1.03 3.26 9.41
N GLU A 88 0.49 3.98 10.39
CA GLU A 88 0.03 5.35 10.18
C GLU A 88 1.17 6.23 9.67
N LYS A 89 2.41 5.84 9.99
CA LYS A 89 3.57 6.60 9.57
C LYS A 89 3.56 6.82 8.06
N ALA A 90 3.23 5.77 7.31
CA ALA A 90 3.18 5.86 5.86
C ALA A 90 2.32 7.04 5.40
N GLU A 91 1.06 7.02 5.78
CA GLU A 91 0.14 8.08 5.42
C GLU A 91 0.62 9.43 5.94
N TYR A 92 1.47 9.39 6.96
CA TYR A 92 2.00 10.60 7.56
C TYR A 92 3.14 11.17 6.71
N ALA A 93 3.86 10.29 6.04
CA ALA A 93 4.98 10.70 5.19
C ALA A 93 4.49 11.11 3.80
N GLN A 94 3.27 10.68 3.46
CA GLN A 94 2.69 11.00 2.17
C GLN A 94 2.16 12.43 2.15
N ARG A 95 1.75 12.92 3.31
CA ARG A 95 1.24 14.28 3.43
C ARG A 95 2.36 15.30 3.52
N LYS A 96 3.51 14.86 4.01
CA LYS A 96 4.67 15.74 4.16
C LYS A 96 5.62 15.57 2.98
N VAL A 97 5.20 14.79 1.99
CA VAL A 97 6.01 14.55 0.80
C VAL A 97 6.34 15.86 0.09
N MET A 1 1.52 -9.21 -8.39
CA MET A 1 2.64 -10.03 -8.85
C MET A 1 3.83 -9.16 -9.23
N ALA A 2 3.55 -7.94 -9.68
CA ALA A 2 4.60 -7.01 -10.07
C ALA A 2 5.54 -6.72 -8.91
N GLY A 3 6.53 -5.87 -9.15
CA GLY A 3 7.49 -5.52 -8.12
C GLY A 3 8.24 -6.73 -7.61
N ALA A 4 9.43 -6.95 -8.13
CA ALA A 4 10.26 -8.08 -7.72
C ALA A 4 11.70 -7.92 -8.19
N SER A 5 12.62 -8.55 -7.47
CA SER A 5 14.04 -8.46 -7.80
C SER A 5 14.51 -9.72 -8.53
N ASP A 6 13.78 -10.10 -9.57
CA ASP A 6 14.11 -11.28 -10.35
C ASP A 6 14.18 -10.95 -11.84
N ARG A 7 13.10 -10.39 -12.36
CA ARG A 7 13.04 -10.03 -13.78
C ARG A 7 13.53 -8.60 -13.99
N THR A 8 13.83 -8.26 -15.24
CA THR A 8 14.31 -6.92 -15.58
C THR A 8 13.15 -5.93 -15.61
N GLY A 9 11.95 -6.44 -15.83
CA GLY A 9 10.78 -5.58 -15.89
C GLY A 9 9.50 -6.31 -15.55
N VAL A 10 9.17 -6.36 -14.26
CA VAL A 10 7.96 -7.04 -13.80
C VAL A 10 6.74 -6.13 -13.90
N ARG A 11 6.50 -5.60 -15.11
CA ARG A 11 5.37 -4.71 -15.33
C ARG A 11 4.05 -5.44 -15.11
N ARG A 12 3.03 -4.69 -14.72
CA ARG A 12 1.71 -5.27 -14.47
C ARG A 12 0.64 -4.54 -15.28
N PRO A 13 -0.46 -5.25 -15.58
CA PRO A 13 -1.57 -4.70 -16.36
C PRO A 13 -2.35 -3.65 -15.56
N ARG A 14 -2.11 -3.60 -14.25
CA ARG A 14 -2.79 -2.65 -13.39
C ARG A 14 -1.95 -1.39 -13.19
N LYS A 15 -1.04 -1.14 -14.13
CA LYS A 15 -0.17 0.03 -14.07
C LYS A 15 -0.99 1.31 -13.86
N ALA A 16 -0.35 2.32 -13.28
CA ALA A 16 -1.03 3.59 -13.03
C ALA A 16 -1.46 4.25 -14.33
N LYS A 17 -0.83 3.85 -15.43
CA LYS A 17 -1.15 4.40 -16.74
C LYS A 17 -2.61 4.14 -17.10
N LYS A 18 -3.17 3.09 -16.53
CA LYS A 18 -4.56 2.73 -16.78
C LYS A 18 -5.49 3.38 -15.76
N ASP A 19 -5.49 2.85 -14.54
CA ASP A 19 -6.33 3.38 -13.47
C ASP A 19 -5.59 3.35 -12.14
N PRO A 20 -5.99 4.24 -11.23
CA PRO A 20 -5.39 4.34 -9.89
C PRO A 20 -5.72 3.14 -9.01
N ASN A 21 -6.62 2.30 -9.49
CA ASN A 21 -7.03 1.11 -8.75
C ASN A 21 -5.84 0.18 -8.50
N ALA A 22 -5.24 0.30 -7.32
CA ALA A 22 -4.10 -0.51 -6.95
C ALA A 22 -4.32 -1.20 -5.61
N PRO A 23 -3.54 -2.27 -5.35
CA PRO A 23 -3.63 -3.03 -4.11
C PRO A 23 -3.12 -2.24 -2.90
N LYS A 24 -3.93 -2.18 -1.86
CA LYS A 24 -3.56 -1.46 -0.64
C LYS A 24 -3.00 -2.41 0.40
N ARG A 25 -2.42 -3.51 -0.06
CA ARG A 25 -1.84 -4.51 0.83
C ARG A 25 -0.85 -3.86 1.78
N ALA A 26 -1.21 -3.79 3.07
CA ALA A 26 -0.34 -3.19 4.07
C ALA A 26 1.05 -3.80 4.03
N LEU A 27 2.01 -3.13 4.65
CA LEU A 27 3.39 -3.60 4.69
C LEU A 27 3.50 -4.93 5.43
N SER A 28 4.09 -5.92 4.79
CA SER A 28 4.24 -7.24 5.38
C SER A 28 4.89 -7.13 6.76
N SER A 29 4.86 -8.23 7.51
CA SER A 29 5.44 -8.26 8.84
C SER A 29 6.96 -8.29 8.79
N TYR A 30 7.51 -9.38 8.25
CA TYR A 30 8.95 -9.52 8.14
C TYR A 30 9.48 -8.82 6.89
N MET A 31 8.66 -8.80 5.84
CA MET A 31 9.04 -8.16 4.59
C MET A 31 8.95 -6.64 4.70
N PHE A 32 8.45 -6.17 5.85
CA PHE A 32 8.31 -4.73 6.09
C PHE A 32 9.57 -3.99 5.65
N PHE A 33 10.71 -4.64 5.79
CA PHE A 33 11.99 -4.03 5.42
C PHE A 33 11.94 -3.52 3.98
N ALA A 34 11.53 -4.38 3.05
CA ALA A 34 11.44 -4.00 1.65
C ALA A 34 10.11 -3.31 1.35
N LYS A 35 9.03 -3.85 1.91
CA LYS A 35 7.70 -3.28 1.71
C LYS A 35 7.65 -1.84 2.18
N GLU A 36 8.58 -1.46 3.05
CA GLU A 36 8.65 -0.10 3.57
C GLU A 36 8.78 0.90 2.43
N LYS A 37 9.29 0.45 1.30
CA LYS A 37 9.48 1.32 0.15
C LYS A 37 8.16 1.51 -0.61
N ARG A 38 7.13 0.77 -0.18
CA ARG A 38 5.82 0.87 -0.82
C ARG A 38 5.35 2.32 -0.89
N VAL A 39 5.71 3.10 0.12
CA VAL A 39 5.33 4.50 0.18
C VAL A 39 5.81 5.25 -1.06
N GLU A 40 6.80 4.68 -1.75
CA GLU A 40 7.34 5.29 -2.95
C GLU A 40 6.32 5.28 -4.08
N ILE A 41 5.42 4.31 -4.04
CA ILE A 41 4.38 4.18 -5.06
C ILE A 41 3.62 5.50 -5.24
N ILE A 42 3.61 6.32 -4.19
CA ILE A 42 2.93 7.60 -4.23
C ILE A 42 3.35 8.41 -5.45
N ALA A 43 4.58 8.20 -5.89
CA ALA A 43 5.12 8.90 -7.05
C ALA A 43 4.63 8.28 -8.35
N GLU A 44 4.66 6.95 -8.40
CA GLU A 44 4.23 6.22 -9.59
C GLU A 44 2.74 6.44 -9.85
N ASN A 45 2.00 6.74 -8.79
CA ASN A 45 0.57 6.99 -8.91
C ASN A 45 0.22 8.42 -8.51
N PRO A 46 0.58 9.38 -9.37
CA PRO A 46 0.31 10.79 -9.13
C PRO A 46 -1.17 11.14 -9.21
N GLU A 47 -1.97 10.17 -9.64
CA GLU A 47 -3.41 10.37 -9.77
C GLU A 47 -4.04 10.67 -8.41
N ILE A 48 -3.78 9.81 -7.44
CA ILE A 48 -4.31 9.98 -6.09
C ILE A 48 -3.26 10.57 -5.16
N ALA A 49 -2.13 10.97 -5.72
CA ALA A 49 -1.05 11.56 -4.94
C ALA A 49 -1.54 12.76 -4.15
N LYS A 50 -2.60 13.40 -4.63
CA LYS A 50 -3.17 14.57 -3.97
C LYS A 50 -4.47 14.20 -3.26
N ASP A 51 -4.55 12.97 -2.76
CA ASP A 51 -5.73 12.50 -2.06
C ASP A 51 -5.80 13.10 -0.65
N VAL A 52 -6.06 14.40 -0.58
CA VAL A 52 -6.14 15.09 0.70
C VAL A 52 -7.22 14.48 1.58
N ALA A 53 -8.17 13.78 0.96
CA ALA A 53 -9.26 13.14 1.69
C ALA A 53 -8.84 11.77 2.21
N ALA A 54 -7.91 11.14 1.49
CA ALA A 54 -7.43 9.82 1.88
C ALA A 54 -6.94 9.81 3.33
N ILE A 55 -6.44 10.95 3.79
CA ILE A 55 -5.95 11.08 5.15
C ILE A 55 -7.08 10.89 6.16
N GLY A 56 -8.26 11.38 5.82
CA GLY A 56 -9.40 11.26 6.70
C GLY A 56 -10.11 9.93 6.56
N LYS A 57 -10.02 9.34 5.36
CA LYS A 57 -10.66 8.06 5.08
C LYS A 57 -9.78 6.91 5.55
N MET A 58 -8.48 7.17 5.70
CA MET A 58 -7.54 6.15 6.14
C MET A 58 -8.04 5.48 7.41
N ILE A 59 -8.81 6.20 8.21
CA ILE A 59 -9.35 5.66 9.45
C ILE A 59 -10.03 4.31 9.21
N GLY A 60 -10.77 4.20 8.12
CA GLY A 60 -11.45 2.98 7.80
C GLY A 60 -10.54 1.98 7.10
N ALA A 61 -9.47 2.47 6.51
CA ALA A 61 -8.51 1.61 5.81
C ALA A 61 -7.57 0.93 6.79
N ALA A 62 -7.50 1.45 8.00
CA ALA A 62 -6.64 0.89 9.04
C ALA A 62 -6.86 -0.61 9.18
N TRP A 63 -8.12 -1.02 9.31
CA TRP A 63 -8.46 -2.42 9.46
C TRP A 63 -8.52 -3.11 8.10
N ASN A 64 -8.65 -2.31 7.04
CA ASN A 64 -8.72 -2.84 5.68
C ASN A 64 -7.35 -2.85 5.03
N ALA A 65 -6.31 -2.65 5.84
CA ALA A 65 -4.94 -2.65 5.34
C ALA A 65 -4.48 -4.05 4.98
N LEU A 66 -4.91 -5.03 5.77
CA LEU A 66 -4.53 -6.42 5.54
C LEU A 66 -5.60 -7.13 4.71
N SER A 67 -5.35 -8.41 4.40
CA SER A 67 -6.27 -9.20 3.61
C SER A 67 -7.61 -9.35 4.34
N ASP A 68 -8.69 -9.40 3.58
CA ASP A 68 -10.02 -9.54 4.14
C ASP A 68 -10.23 -10.95 4.71
N GLU A 69 -9.96 -11.95 3.88
CA GLU A 69 -10.11 -13.34 4.29
C GLU A 69 -9.26 -13.64 5.51
N GLU A 70 -8.17 -12.91 5.66
CA GLU A 70 -7.26 -13.10 6.79
C GLU A 70 -7.60 -12.13 7.92
N LYS A 71 -8.58 -11.26 7.68
CA LYS A 71 -9.00 -10.29 8.68
C LYS A 71 -10.08 -10.86 9.59
N LYS A 72 -10.65 -12.00 9.18
CA LYS A 72 -11.70 -12.65 9.95
C LYS A 72 -11.16 -13.15 11.29
N PRO A 73 -10.05 -13.89 11.24
CA PRO A 73 -9.40 -14.44 12.44
C PRO A 73 -8.76 -13.36 13.29
N TYR A 74 -8.57 -12.19 12.72
CA TYR A 74 -7.95 -11.07 13.41
C TYR A 74 -6.51 -11.39 13.79
N GLU A 75 -5.96 -12.42 13.16
CA GLU A 75 -4.58 -12.83 13.44
C GLU A 75 -3.60 -11.97 12.66
N ARG A 76 -3.80 -11.87 11.34
CA ARG A 76 -2.92 -11.09 10.49
C ARG A 76 -3.10 -9.60 10.77
N MET A 77 -4.33 -9.13 10.76
CA MET A 77 -4.64 -7.73 11.02
C MET A 77 -4.10 -7.30 12.39
N SER A 78 -3.89 -8.28 13.26
CA SER A 78 -3.40 -8.01 14.60
C SER A 78 -1.91 -7.65 14.57
N ASP A 79 -1.13 -8.49 13.90
CA ASP A 79 0.31 -8.28 13.79
C ASP A 79 0.61 -6.95 13.12
N GLU A 80 -0.37 -6.41 12.40
CA GLU A 80 -0.21 -5.14 11.71
C GLU A 80 0.05 -4.02 12.70
N ASP A 81 -0.23 -4.27 13.97
CA ASP A 81 -0.03 -3.27 15.01
C ASP A 81 1.38 -2.69 14.93
N ARG A 82 2.33 -3.50 14.49
CA ARG A 82 3.71 -3.06 14.36
C ARG A 82 3.94 -2.36 13.02
N VAL A 83 3.77 -3.11 11.94
CA VAL A 83 3.96 -2.56 10.59
C VAL A 83 3.15 -1.28 10.40
N ARG A 84 2.07 -1.16 11.17
CA ARG A 84 1.21 0.02 11.08
C ARG A 84 2.02 1.30 11.13
N TYR A 85 3.13 1.27 11.87
CA TYR A 85 4.01 2.42 11.99
C TYR A 85 4.59 2.82 10.64
N GLU A 86 5.02 1.83 9.87
CA GLU A 86 5.60 2.07 8.57
C GLU A 86 4.51 2.26 7.52
N ARG A 87 3.41 1.54 7.67
CA ARG A 87 2.28 1.63 6.74
C ARG A 87 1.73 3.05 6.70
N GLU A 88 1.41 3.59 7.87
CA GLU A 88 0.86 4.94 7.97
C GLU A 88 1.75 5.94 7.23
N LYS A 89 3.05 5.64 7.17
CA LYS A 89 4.00 6.51 6.49
C LYS A 89 3.54 6.84 5.07
N ALA A 90 2.87 5.87 4.43
CA ALA A 90 2.37 6.05 3.08
C ALA A 90 1.45 7.26 3.00
N GLU A 91 0.35 7.22 3.75
CA GLU A 91 -0.62 8.31 3.77
C GLU A 91 0.05 9.62 4.18
N TYR A 92 1.14 9.51 4.93
CA TYR A 92 1.87 10.68 5.40
C TYR A 92 2.68 11.31 4.27
N ALA A 93 3.13 10.48 3.33
CA ALA A 93 3.91 10.95 2.21
C ALA A 93 3.00 11.45 1.08
N GLN A 94 1.75 11.01 1.12
CA GLN A 94 0.78 11.41 0.09
C GLN A 94 0.27 12.82 0.34
N ARG A 95 0.17 13.19 1.61
CA ARG A 95 -0.30 14.52 1.98
C ARG A 95 0.68 15.60 1.53
N LYS A 96 1.96 15.24 1.46
CA LYS A 96 2.99 16.17 1.06
C LYS A 96 2.86 16.50 -0.43
N VAL A 97 2.93 15.47 -1.27
CA VAL A 97 2.82 15.65 -2.72
C VAL A 97 1.41 16.11 -3.10
N MET A 1 10.82 1.84 -19.42
CA MET A 1 10.62 2.72 -20.57
C MET A 1 10.47 1.91 -21.85
N ALA A 2 9.73 2.45 -22.82
CA ALA A 2 9.52 1.78 -24.09
C ALA A 2 10.46 2.32 -25.16
N GLY A 3 10.87 1.45 -26.08
CA GLY A 3 11.77 1.86 -27.14
C GLY A 3 12.88 0.86 -27.38
N ALA A 4 12.52 -0.38 -27.65
CA ALA A 4 13.49 -1.44 -27.89
C ALA A 4 13.47 -1.90 -29.34
N SER A 5 14.47 -2.67 -29.74
CA SER A 5 14.55 -3.16 -31.10
C SER A 5 14.25 -4.67 -31.16
N ASP A 6 13.16 -5.06 -30.52
CA ASP A 6 12.75 -6.45 -30.49
C ASP A 6 11.32 -6.63 -31.00
N ARG A 7 10.45 -5.70 -30.61
CA ARG A 7 9.05 -5.75 -31.02
C ARG A 7 8.63 -4.44 -31.67
N THR A 8 7.43 -4.41 -32.22
CA THR A 8 6.91 -3.22 -32.88
C THR A 8 6.06 -2.39 -31.92
N GLY A 9 6.41 -2.41 -30.64
CA GLY A 9 5.68 -1.66 -29.65
C GLY A 9 5.87 -2.19 -28.24
N VAL A 10 7.11 -2.11 -27.76
CA VAL A 10 7.43 -2.59 -26.41
C VAL A 10 6.53 -1.94 -25.37
N ARG A 11 6.01 -2.76 -24.46
CA ARG A 11 5.13 -2.27 -23.41
C ARG A 11 5.87 -1.31 -22.47
N ARG A 12 5.11 -0.52 -21.72
CA ARG A 12 5.69 0.43 -20.79
C ARG A 12 4.80 0.64 -19.58
N PRO A 13 5.37 1.16 -18.49
CA PRO A 13 4.65 1.42 -17.25
C PRO A 13 3.64 2.57 -17.39
N ARG A 14 3.69 3.25 -18.53
CA ARG A 14 2.79 4.37 -18.79
C ARG A 14 1.35 3.89 -18.92
N LYS A 15 1.19 2.59 -19.16
CA LYS A 15 -0.13 1.99 -19.30
C LYS A 15 -1.04 2.38 -18.15
N ALA A 16 -1.94 3.33 -18.39
CA ALA A 16 -2.87 3.78 -17.37
C ALA A 16 -4.05 2.82 -17.21
N LYS A 17 -4.27 2.02 -18.24
CA LYS A 17 -5.36 1.03 -18.22
C LYS A 17 -5.18 0.05 -17.07
N LYS A 18 -3.93 -0.24 -16.73
CA LYS A 18 -3.63 -1.16 -15.64
C LYS A 18 -4.16 -0.64 -14.32
N ASP A 19 -4.74 -1.54 -13.53
CA ASP A 19 -5.29 -1.17 -12.23
C ASP A 19 -4.17 -0.94 -11.21
N PRO A 20 -4.47 -0.12 -10.19
CA PRO A 20 -3.50 0.20 -9.13
C PRO A 20 -3.20 -0.99 -8.23
N ASN A 21 -4.25 -1.74 -7.88
CA ASN A 21 -4.10 -2.90 -7.02
C ASN A 21 -3.33 -2.54 -5.75
N ALA A 22 -3.70 -1.41 -5.14
CA ALA A 22 -3.06 -0.97 -3.92
C ALA A 22 -3.03 -2.07 -2.86
N PRO A 23 -2.14 -1.94 -1.87
CA PRO A 23 -2.00 -2.91 -0.79
C PRO A 23 -3.19 -2.90 0.15
N LYS A 24 -3.79 -4.08 0.35
CA LYS A 24 -4.94 -4.20 1.24
C LYS A 24 -4.55 -4.86 2.56
N ARG A 25 -3.25 -4.81 2.87
CA ARG A 25 -2.75 -5.41 4.10
C ARG A 25 -1.91 -4.40 4.88
N ALA A 26 -1.86 -4.57 6.20
CA ALA A 26 -1.09 -3.69 7.06
C ALA A 26 0.26 -4.30 7.40
N LEU A 27 1.21 -3.45 7.82
CA LEU A 27 2.54 -3.91 8.18
C LEU A 27 2.47 -5.05 9.18
N SER A 28 3.19 -6.13 8.89
CA SER A 28 3.21 -7.30 9.76
C SER A 28 3.54 -6.89 11.20
N SER A 29 3.27 -7.79 12.14
CA SER A 29 3.55 -7.53 13.55
C SER A 29 5.05 -7.59 13.83
N TYR A 30 5.63 -8.77 13.68
CA TYR A 30 7.05 -8.96 13.93
C TYR A 30 7.87 -8.54 12.70
N MET A 31 7.29 -8.74 11.52
CA MET A 31 7.97 -8.39 10.27
C MET A 31 7.94 -6.88 10.05
N PHE A 32 7.24 -6.17 10.93
CA PHE A 32 7.14 -4.72 10.82
C PHE A 32 8.50 -4.10 10.50
N PHE A 33 9.55 -4.70 11.03
CA PHE A 33 10.91 -4.21 10.80
C PHE A 33 11.18 -4.03 9.31
N ALA A 34 10.96 -5.10 8.54
CA ALA A 34 11.17 -5.05 7.10
C ALA A 34 9.96 -4.48 6.38
N LYS A 35 8.78 -4.92 6.80
CA LYS A 35 7.53 -4.45 6.19
C LYS A 35 7.42 -2.93 6.26
N GLU A 36 8.15 -2.34 7.20
CA GLU A 36 8.14 -0.89 7.38
C GLU A 36 8.54 -0.18 6.10
N LYS A 37 9.29 -0.89 5.25
CA LYS A 37 9.74 -0.33 3.99
C LYS A 37 8.62 -0.33 2.95
N ARG A 38 7.51 -0.96 3.30
CA ARG A 38 6.36 -1.05 2.40
C ARG A 38 5.99 0.33 1.87
N VAL A 39 6.24 1.36 2.67
CA VAL A 39 5.94 2.74 2.27
C VAL A 39 6.59 3.07 0.93
N GLU A 40 7.63 2.34 0.58
CA GLU A 40 8.34 2.56 -0.67
C GLU A 40 7.42 2.29 -1.87
N ILE A 41 6.46 1.40 -1.67
CA ILE A 41 5.52 1.04 -2.72
C ILE A 41 4.79 2.28 -3.25
N ILE A 42 4.77 3.33 -2.45
CA ILE A 42 4.10 4.57 -2.83
C ILE A 42 4.57 5.04 -4.20
N ALA A 43 5.81 4.71 -4.55
CA ALA A 43 6.37 5.09 -5.84
C ALA A 43 5.99 4.08 -6.92
N GLU A 44 6.08 2.80 -6.58
CA GLU A 44 5.75 1.74 -7.54
C GLU A 44 4.32 1.88 -8.04
N ASN A 45 3.49 2.55 -7.25
CA ASN A 45 2.09 2.76 -7.61
C ASN A 45 1.73 4.24 -7.56
N PRO A 46 2.09 4.98 -8.61
CA PRO A 46 1.81 6.42 -8.71
C PRO A 46 0.32 6.72 -8.88
N GLU A 47 -0.46 5.66 -9.08
CA GLU A 47 -1.90 5.81 -9.26
C GLU A 47 -2.55 6.39 -8.01
N ILE A 48 -2.30 5.76 -6.87
CA ILE A 48 -2.86 6.23 -5.60
C ILE A 48 -1.84 7.05 -4.82
N ALA A 49 -0.70 7.34 -5.46
CA ALA A 49 0.34 8.13 -4.82
C ALA A 49 -0.10 9.56 -4.61
N LYS A 50 -0.89 10.08 -5.55
CA LYS A 50 -1.39 11.45 -5.47
C LYS A 50 -2.83 11.48 -4.96
N ASP A 51 -3.17 10.51 -4.11
CA ASP A 51 -4.51 10.44 -3.55
C ASP A 51 -4.59 11.19 -2.22
N VAL A 52 -5.15 12.39 -2.28
CA VAL A 52 -5.30 13.22 -1.09
C VAL A 52 -6.49 12.78 -0.25
N ALA A 53 -7.46 12.15 -0.90
CA ALA A 53 -8.65 11.67 -0.21
C ALA A 53 -8.39 10.34 0.49
N ALA A 54 -7.41 9.59 -0.01
CA ALA A 54 -7.07 8.31 0.57
C ALA A 54 -6.70 8.45 2.04
N ILE A 55 -6.27 9.65 2.43
CA ILE A 55 -5.90 9.91 3.81
C ILE A 55 -7.13 10.03 4.71
N GLY A 56 -8.27 10.38 4.10
CA GLY A 56 -9.50 10.51 4.86
C GLY A 56 -10.20 9.18 5.04
N LYS A 57 -10.09 8.31 4.04
CA LYS A 57 -10.73 7.00 4.10
C LYS A 57 -9.88 6.01 4.87
N MET A 58 -8.58 6.28 4.94
CA MET A 58 -7.65 5.41 5.66
C MET A 58 -8.15 5.13 7.07
N ILE A 59 -8.88 6.09 7.63
CA ILE A 59 -9.42 5.94 8.98
C ILE A 59 -10.21 4.65 9.12
N GLY A 60 -11.29 4.53 8.35
CA GLY A 60 -12.10 3.33 8.40
C GLY A 60 -11.39 2.11 7.85
N ALA A 61 -10.37 2.34 7.03
CA ALA A 61 -9.60 1.25 6.44
C ALA A 61 -8.59 0.69 7.44
N ALA A 62 -8.27 1.47 8.47
CA ALA A 62 -7.33 1.05 9.48
C ALA A 62 -7.72 -0.30 10.07
N TRP A 63 -8.95 -0.39 10.57
CA TRP A 63 -9.43 -1.63 11.16
C TRP A 63 -9.44 -2.77 10.13
N ASN A 64 -9.62 -2.40 8.86
CA ASN A 64 -9.65 -3.39 7.79
C ASN A 64 -8.26 -3.53 7.15
N ALA A 65 -7.26 -2.99 7.82
CA ALA A 65 -5.88 -3.06 7.33
C ALA A 65 -5.32 -4.46 7.50
N LEU A 66 -5.68 -5.12 8.60
CA LEU A 66 -5.20 -6.46 8.88
C LEU A 66 -6.05 -7.50 8.13
N SER A 67 -5.68 -8.77 8.30
CA SER A 67 -6.40 -9.87 7.65
C SER A 67 -7.84 -9.92 8.13
N ASP A 68 -8.75 -10.31 7.23
CA ASP A 68 -10.16 -10.41 7.56
C ASP A 68 -10.43 -11.62 8.45
N GLU A 69 -9.94 -12.77 8.03
CA GLU A 69 -10.13 -14.01 8.78
C GLU A 69 -9.56 -13.86 10.20
N GLU A 70 -8.55 -13.02 10.34
CA GLU A 70 -7.92 -12.79 11.64
C GLU A 70 -8.52 -11.58 12.33
N LYS A 71 -9.46 -10.92 11.66
CA LYS A 71 -10.12 -9.74 12.21
C LYS A 71 -11.35 -10.14 13.02
N LYS A 72 -11.77 -11.39 12.87
CA LYS A 72 -12.93 -11.90 13.58
C LYS A 72 -12.67 -11.96 15.09
N PRO A 73 -11.55 -12.58 15.47
CA PRO A 73 -11.15 -12.71 16.88
C PRO A 73 -10.74 -11.38 17.48
N TYR A 74 -10.49 -10.39 16.63
CA TYR A 74 -10.08 -9.07 17.07
C TYR A 74 -8.72 -9.13 17.75
N GLU A 75 -8.02 -10.25 17.58
CA GLU A 75 -6.70 -10.43 18.16
C GLU A 75 -5.62 -9.80 17.29
N ARG A 76 -5.79 -9.89 15.98
CA ARG A 76 -4.84 -9.32 15.04
C ARG A 76 -5.03 -7.81 14.93
N MET A 77 -6.21 -7.40 14.49
CA MET A 77 -6.51 -5.98 14.33
C MET A 77 -6.15 -5.20 15.59
N SER A 78 -6.27 -5.85 16.74
CA SER A 78 -5.97 -5.22 18.01
C SER A 78 -4.46 -4.98 18.15
N ASP A 79 -3.69 -6.01 17.85
CA ASP A 79 -2.24 -5.93 17.93
C ASP A 79 -1.70 -4.84 17.01
N GLU A 80 -2.50 -4.46 16.02
CA GLU A 80 -2.11 -3.44 15.06
C GLU A 80 -1.87 -2.10 15.76
N ASP A 81 -2.37 -1.99 16.99
CA ASP A 81 -2.21 -0.77 17.77
C ASP A 81 -0.75 -0.33 17.79
N ARG A 82 0.16 -1.30 17.73
CA ARG A 82 1.59 -1.00 17.73
C ARG A 82 2.09 -0.69 16.33
N VAL A 83 2.00 -1.66 15.44
CA VAL A 83 2.45 -1.50 14.07
C VAL A 83 1.79 -0.28 13.42
N ARG A 84 0.64 0.13 13.97
CA ARG A 84 -0.08 1.28 13.44
C ARG A 84 0.85 2.47 13.27
N TYR A 85 1.85 2.57 14.14
CA TYR A 85 2.81 3.67 14.10
C TYR A 85 3.61 3.64 12.80
N GLU A 86 4.02 2.44 12.40
CA GLU A 86 4.80 2.26 11.18
C GLU A 86 3.88 2.24 9.95
N ARG A 87 2.69 1.68 10.13
CA ARG A 87 1.73 1.58 9.03
C ARG A 87 1.32 2.97 8.55
N GLU A 88 1.00 3.85 9.49
CA GLU A 88 0.59 5.21 9.15
C GLU A 88 1.64 5.89 8.28
N LYS A 89 2.89 5.45 8.42
CA LYS A 89 3.99 6.01 7.63
C LYS A 89 3.67 6.00 6.15
N ALA A 90 3.15 4.87 5.67
CA ALA A 90 2.80 4.73 4.27
C ALA A 90 1.87 5.85 3.81
N GLU A 91 0.73 5.97 4.46
CA GLU A 91 -0.25 7.00 4.12
C GLU A 91 0.36 8.39 4.30
N TYR A 92 1.36 8.48 5.17
CA TYR A 92 2.02 9.75 5.44
C TYR A 92 2.92 10.16 4.27
N ALA A 93 3.50 9.17 3.60
CA ALA A 93 4.37 9.42 2.47
C ALA A 93 3.57 9.60 1.19
N GLN A 94 2.34 9.09 1.18
CA GLN A 94 1.47 9.20 0.01
C GLN A 94 0.94 10.62 -0.13
N ARG A 95 0.69 11.28 1.00
CA ARG A 95 0.18 12.64 1.00
C ARG A 95 1.31 13.65 0.86
N LYS A 96 2.52 13.22 1.18
CA LYS A 96 3.69 14.09 1.09
C LYS A 96 4.24 14.11 -0.33
N VAL A 97 4.07 13.00 -1.04
CA VAL A 97 4.55 12.89 -2.42
C VAL A 97 3.76 13.81 -3.35
N MET A 1 8.03 -6.78 -26.94
CA MET A 1 6.77 -7.50 -26.98
C MET A 1 5.70 -6.70 -27.72
N ALA A 2 5.78 -5.37 -27.61
CA ALA A 2 4.83 -4.50 -28.28
C ALA A 2 5.26 -4.21 -29.71
N GLY A 3 4.40 -3.52 -30.45
CA GLY A 3 4.70 -3.19 -31.83
C GLY A 3 4.63 -4.39 -32.74
N ALA A 4 3.58 -5.19 -32.58
CA ALA A 4 3.39 -6.40 -33.39
C ALA A 4 2.77 -6.05 -34.74
N SER A 5 2.68 -7.03 -35.62
CA SER A 5 2.10 -6.83 -36.94
C SER A 5 0.70 -7.43 -37.03
N ASP A 6 -0.08 -7.22 -35.97
CA ASP A 6 -1.45 -7.74 -35.92
C ASP A 6 -2.44 -6.63 -35.60
N ARG A 7 -2.06 -5.75 -34.67
CA ARG A 7 -2.91 -4.65 -34.27
C ARG A 7 -2.12 -3.34 -34.22
N THR A 8 -2.83 -2.24 -33.99
CA THR A 8 -2.20 -0.93 -33.91
C THR A 8 -2.17 -0.41 -32.48
N GLY A 9 -2.08 -1.32 -31.52
CA GLY A 9 -2.04 -0.94 -30.13
C GLY A 9 -1.89 -2.13 -29.20
N VAL A 10 -1.07 -3.10 -29.61
CA VAL A 10 -0.85 -4.29 -28.81
C VAL A 10 -0.42 -3.93 -27.39
N ARG A 11 -0.98 -4.64 -26.42
CA ARG A 11 -0.66 -4.39 -25.01
C ARG A 11 0.78 -4.80 -24.70
N ARG A 12 1.41 -4.06 -23.79
CA ARG A 12 2.79 -4.34 -23.41
C ARG A 12 3.03 -3.95 -21.95
N PRO A 13 4.08 -4.53 -21.35
CA PRO A 13 4.45 -4.25 -19.96
C PRO A 13 5.00 -2.84 -19.78
N ARG A 14 5.31 -2.18 -20.88
CA ARG A 14 5.84 -0.83 -20.85
C ARG A 14 4.72 0.20 -21.01
N LYS A 15 3.51 -0.20 -20.70
CA LYS A 15 2.35 0.69 -20.81
C LYS A 15 2.59 1.98 -20.03
N ALA A 16 1.91 3.05 -20.45
CA ALA A 16 2.04 4.34 -19.79
C ALA A 16 1.37 4.33 -18.42
N LYS A 17 0.38 3.45 -18.26
CA LYS A 17 -0.34 3.34 -17.01
C LYS A 17 0.27 2.25 -16.12
N LYS A 18 1.60 2.18 -16.11
CA LYS A 18 2.30 1.20 -15.30
C LYS A 18 1.84 1.23 -13.85
N ASP A 19 1.04 0.24 -13.47
CA ASP A 19 0.53 0.16 -12.10
C ASP A 19 1.66 0.26 -11.09
N PRO A 20 1.31 0.72 -9.87
CA PRO A 20 2.29 0.87 -8.79
C PRO A 20 2.78 -0.47 -8.25
N ASN A 21 1.87 -1.42 -8.14
CA ASN A 21 2.21 -2.76 -7.64
C ASN A 21 2.94 -2.67 -6.31
N ALA A 22 2.63 -1.62 -5.54
CA ALA A 22 3.25 -1.43 -4.24
C ALA A 22 2.53 -2.22 -3.15
N PRO A 23 3.22 -2.45 -2.03
CA PRO A 23 2.66 -3.19 -0.90
C PRO A 23 1.55 -2.42 -0.18
N LYS A 24 0.40 -3.08 -0.02
CA LYS A 24 -0.74 -2.45 0.64
C LYS A 24 -1.01 -3.13 1.99
N ARG A 25 0.01 -3.75 2.55
CA ARG A 25 -0.12 -4.43 3.84
C ARG A 25 0.15 -3.47 4.99
N ALA A 26 -0.26 -3.86 6.19
CA ALA A 26 -0.07 -3.04 7.38
C ALA A 26 1.18 -3.46 8.14
N LEU A 27 1.65 -2.58 9.01
CA LEU A 27 2.85 -2.86 9.80
C LEU A 27 2.63 -4.04 10.73
N SER A 28 3.54 -5.01 10.68
CA SER A 28 3.45 -6.20 11.51
C SER A 28 3.24 -5.83 12.97
N SER A 29 2.83 -6.82 13.77
CA SER A 29 2.59 -6.59 15.20
C SER A 29 3.91 -6.43 15.96
N TYR A 30 4.69 -7.50 15.99
CA TYR A 30 5.97 -7.47 16.70
C TYR A 30 7.06 -6.89 15.81
N MET A 31 6.93 -7.08 14.50
CA MET A 31 7.90 -6.57 13.54
C MET A 31 7.71 -5.07 13.32
N PHE A 32 6.66 -4.52 13.93
CA PHE A 32 6.36 -3.10 13.80
C PHE A 32 7.63 -2.26 13.96
N PHE A 33 8.55 -2.74 14.79
CA PHE A 33 9.81 -2.03 15.03
C PHE A 33 10.51 -1.73 13.71
N ALA A 34 10.72 -2.77 12.91
CA ALA A 34 11.39 -2.62 11.62
C ALA A 34 10.41 -2.20 10.54
N LYS A 35 9.24 -2.83 10.54
CA LYS A 35 8.20 -2.52 9.55
C LYS A 35 7.83 -1.04 9.60
N GLU A 36 8.11 -0.40 10.72
CA GLU A 36 7.82 1.02 10.89
C GLU A 36 8.48 1.85 9.80
N LYS A 37 9.57 1.32 9.24
CA LYS A 37 10.31 2.01 8.19
C LYS A 37 9.59 1.89 6.85
N ARG A 38 8.53 1.08 6.83
CA ARG A 38 7.77 0.87 5.61
C ARG A 38 7.36 2.21 4.99
N VAL A 39 7.24 3.22 5.84
CA VAL A 39 6.84 4.55 5.37
C VAL A 39 7.82 5.07 4.31
N GLU A 40 9.00 4.47 4.26
CA GLU A 40 10.01 4.87 3.29
C GLU A 40 9.61 4.46 1.87
N ILE A 41 8.80 3.41 1.79
CA ILE A 41 8.35 2.91 0.50
C ILE A 41 7.73 4.02 -0.34
N ILE A 42 7.24 5.06 0.33
CA ILE A 42 6.64 6.20 -0.35
C ILE A 42 7.55 6.73 -1.45
N ALA A 43 8.85 6.56 -1.27
CA ALA A 43 9.82 7.02 -2.25
C ALA A 43 9.96 6.02 -3.40
N GLU A 44 9.91 4.74 -3.07
CA GLU A 44 10.02 3.68 -4.07
C GLU A 44 8.84 3.71 -5.04
N ASN A 45 7.71 4.23 -4.56
CA ASN A 45 6.51 4.32 -5.38
C ASN A 45 6.01 5.75 -5.47
N PRO A 46 6.72 6.57 -6.27
CA PRO A 46 6.37 7.99 -6.46
C PRO A 46 5.09 8.16 -7.26
N GLU A 47 4.57 7.06 -7.79
CA GLU A 47 3.34 7.09 -8.58
C GLU A 47 2.17 7.58 -7.73
N ILE A 48 1.96 6.93 -6.59
CA ILE A 48 0.87 7.29 -5.68
C ILE A 48 1.38 8.14 -4.53
N ALA A 49 2.66 8.55 -4.60
CA ALA A 49 3.26 9.36 -3.56
C ALA A 49 2.48 10.65 -3.36
N LYS A 50 1.75 11.08 -4.39
CA LYS A 50 0.96 12.29 -4.32
C LYS A 50 -0.52 11.97 -4.08
N ASP A 51 -0.78 10.89 -3.38
CA ASP A 51 -2.15 10.47 -3.10
C ASP A 51 -2.70 11.20 -1.88
N VAL A 52 -3.38 12.33 -2.13
CA VAL A 52 -3.95 13.12 -1.05
C VAL A 52 -5.27 12.52 -0.57
N ALA A 53 -5.91 11.74 -1.43
CA ALA A 53 -7.17 11.10 -1.08
C ALA A 53 -6.95 9.82 -0.29
N ALA A 54 -5.77 9.22 -0.46
CA ALA A 54 -5.43 7.99 0.25
C ALA A 54 -5.52 8.18 1.76
N ILE A 55 -5.36 9.42 2.20
CA ILE A 55 -5.42 9.74 3.62
C ILE A 55 -6.85 9.58 4.16
N GLY A 56 -7.82 9.72 3.27
CA GLY A 56 -9.21 9.59 3.67
C GLY A 56 -9.67 8.14 3.69
N LYS A 57 -9.14 7.34 2.77
CA LYS A 57 -9.50 5.93 2.69
C LYS A 57 -8.70 5.10 3.69
N MET A 58 -7.55 5.64 4.09
CA MET A 58 -6.68 4.95 5.05
C MET A 58 -7.46 4.52 6.29
N ILE A 59 -8.52 5.28 6.60
CA ILE A 59 -9.34 4.98 7.77
C ILE A 59 -10.06 3.64 7.60
N GLY A 60 -10.90 3.54 6.57
CA GLY A 60 -11.63 2.31 6.33
C GLY A 60 -10.74 1.19 5.83
N ALA A 61 -9.62 1.57 5.20
CA ALA A 61 -8.68 0.58 4.69
C ALA A 61 -7.74 0.10 5.78
N ALA A 62 -7.65 0.86 6.86
CA ALA A 62 -6.78 0.50 7.98
C ALA A 62 -7.17 -0.86 8.56
N TRP A 63 -8.46 -1.03 8.83
CA TRP A 63 -8.95 -2.28 9.40
C TRP A 63 -8.67 -3.45 8.47
N ASN A 64 -8.84 -3.23 7.17
CA ASN A 64 -8.59 -4.26 6.17
C ASN A 64 -7.15 -4.21 5.68
N ALA A 65 -6.32 -3.46 6.39
CA ALA A 65 -4.91 -3.33 6.02
C ALA A 65 -4.14 -4.61 6.33
N LEU A 66 -4.69 -5.43 7.22
CA LEU A 66 -4.06 -6.69 7.59
C LEU A 66 -4.32 -7.77 6.56
N SER A 67 -3.74 -8.95 6.77
CA SER A 67 -3.90 -10.06 5.85
C SER A 67 -5.37 -10.48 5.76
N ASP A 68 -5.78 -10.92 4.58
CA ASP A 68 -7.15 -11.36 4.35
C ASP A 68 -7.43 -12.65 5.10
N GLU A 69 -6.63 -13.68 4.83
CA GLU A 69 -6.81 -14.97 5.47
C GLU A 69 -6.69 -14.85 6.99
N GLU A 70 -5.98 -13.82 7.43
CA GLU A 70 -5.79 -13.59 8.87
C GLU A 70 -6.82 -12.61 9.39
N LYS A 71 -7.67 -12.10 8.50
CA LYS A 71 -8.71 -11.15 8.87
C LYS A 71 -9.99 -11.88 9.28
N LYS A 72 -10.05 -13.17 8.96
CA LYS A 72 -11.21 -13.99 9.30
C LYS A 72 -11.36 -14.14 10.81
N PRO A 73 -10.26 -14.57 11.46
CA PRO A 73 -10.24 -14.76 12.92
C PRO A 73 -10.30 -13.45 13.68
N TYR A 74 -10.06 -12.35 12.98
CA TYR A 74 -10.09 -11.03 13.59
C TYR A 74 -9.00 -10.90 14.65
N GLU A 75 -7.95 -11.70 14.51
CA GLU A 75 -6.84 -11.68 15.46
C GLU A 75 -5.87 -10.55 15.13
N ARG A 76 -5.42 -10.50 13.89
CA ARG A 76 -4.49 -9.46 13.45
C ARG A 76 -5.22 -8.15 13.22
N MET A 77 -6.31 -8.19 12.46
CA MET A 77 -7.08 -6.99 12.17
C MET A 77 -7.42 -6.24 13.46
N SER A 78 -7.93 -6.97 14.45
CA SER A 78 -8.30 -6.37 15.72
C SER A 78 -7.07 -5.88 16.46
N ASP A 79 -6.06 -6.74 16.57
CA ASP A 79 -4.83 -6.38 17.26
C ASP A 79 -4.16 -5.18 16.61
N GLU A 80 -4.54 -4.90 15.36
CA GLU A 80 -3.98 -3.78 14.63
C GLU A 80 -4.28 -2.45 15.34
N ASP A 81 -5.24 -2.49 16.26
CA ASP A 81 -5.62 -1.31 17.02
C ASP A 81 -4.38 -0.61 17.60
N ARG A 82 -3.35 -1.39 17.89
CA ARG A 82 -2.12 -0.85 18.45
C ARG A 82 -1.19 -0.36 17.33
N VAL A 83 -0.76 -1.29 16.48
CA VAL A 83 0.13 -0.96 15.38
C VAL A 83 -0.45 0.17 14.52
N ARG A 84 -1.77 0.32 14.57
CA ARG A 84 -2.45 1.35 13.81
C ARG A 84 -1.76 2.71 13.98
N TYR A 85 -1.21 2.94 15.17
CA TYR A 85 -0.51 4.19 15.46
C TYR A 85 0.70 4.37 14.55
N GLU A 86 1.45 3.29 14.36
CA GLU A 86 2.63 3.32 13.52
C GLU A 86 2.26 3.19 12.05
N ARG A 87 1.19 2.45 11.78
CA ARG A 87 0.73 2.23 10.42
C ARG A 87 0.30 3.55 9.78
N GLU A 88 -0.50 4.33 10.51
CA GLU A 88 -0.99 5.61 10.01
C GLU A 88 0.18 6.49 9.58
N LYS A 89 1.35 6.28 10.18
CA LYS A 89 2.54 7.05 9.85
C LYS A 89 2.79 7.04 8.36
N ALA A 90 2.70 5.86 7.75
CA ALA A 90 2.93 5.73 6.31
C ALA A 90 2.09 6.72 5.53
N GLU A 91 0.79 6.78 5.83
CA GLU A 91 -0.11 7.69 5.15
C GLU A 91 0.15 9.14 5.57
N TYR A 92 0.72 9.30 6.76
CA TYR A 92 1.02 10.63 7.28
C TYR A 92 2.21 11.24 6.56
N ALA A 93 3.36 10.58 6.66
CA ALA A 93 4.58 11.05 6.00
C ALA A 93 4.41 11.13 4.50
N GLN A 94 3.39 10.43 3.99
CA GLN A 94 3.12 10.41 2.56
C GLN A 94 2.90 11.82 2.03
N ARG A 95 1.87 12.49 2.55
CA ARG A 95 1.55 13.85 2.13
C ARG A 95 2.74 14.78 2.36
N LYS A 96 3.59 14.42 3.31
CA LYS A 96 4.76 15.23 3.65
C LYS A 96 5.79 15.16 2.52
N VAL A 97 5.61 14.21 1.61
CA VAL A 97 6.52 14.04 0.48
C VAL A 97 6.74 15.36 -0.25
N MET A 1 8.60 -5.77 -27.71
CA MET A 1 8.82 -4.48 -27.05
C MET A 1 8.15 -3.36 -27.83
N ALA A 2 7.82 -2.27 -27.12
CA ALA A 2 7.18 -1.12 -27.76
C ALA A 2 7.97 -0.65 -28.97
N GLY A 3 7.35 -0.75 -30.15
CA GLY A 3 8.01 -0.33 -31.37
C GLY A 3 8.01 -1.41 -32.42
N ALA A 4 6.94 -2.22 -32.45
CA ALA A 4 6.83 -3.30 -33.42
C ALA A 4 6.34 -2.78 -34.77
N SER A 5 5.68 -1.62 -34.74
CA SER A 5 5.16 -1.01 -35.96
C SER A 5 4.10 -1.91 -36.60
N ASP A 6 3.30 -2.55 -35.76
CA ASP A 6 2.24 -3.43 -36.25
C ASP A 6 0.90 -3.04 -35.65
N ARG A 7 0.73 -3.26 -34.35
CA ARG A 7 -0.51 -2.93 -33.66
C ARG A 7 -0.70 -1.42 -33.59
N THR A 8 -1.94 -1.00 -33.34
CA THR A 8 -2.26 0.42 -33.25
C THR A 8 -1.56 1.05 -32.05
N GLY A 9 -1.24 0.24 -31.06
CA GLY A 9 -0.58 0.75 -29.87
C GLY A 9 0.22 -0.32 -29.15
N VAL A 10 1.46 -0.52 -29.57
CA VAL A 10 2.33 -1.52 -28.96
C VAL A 10 2.38 -1.36 -27.44
N ARG A 11 1.88 -2.37 -26.74
CA ARG A 11 1.86 -2.35 -25.28
C ARG A 11 3.26 -2.55 -24.70
N ARG A 12 3.65 -1.69 -23.78
CA ARG A 12 4.97 -1.79 -23.16
C ARG A 12 4.84 -2.10 -21.66
N PRO A 13 5.92 -2.65 -21.09
CA PRO A 13 5.95 -3.01 -19.67
C PRO A 13 5.98 -1.78 -18.76
N ARG A 14 6.30 -0.63 -19.34
CA ARG A 14 6.36 0.61 -18.59
C ARG A 14 5.13 1.47 -18.85
N LYS A 15 4.05 0.83 -19.29
CA LYS A 15 2.80 1.53 -19.57
C LYS A 15 2.38 2.39 -18.39
N ALA A 16 1.76 3.53 -18.68
CA ALA A 16 1.30 4.45 -17.65
C ALA A 16 -0.01 3.97 -17.03
N LYS A 17 -0.75 3.16 -17.78
CA LYS A 17 -2.02 2.63 -17.31
C LYS A 17 -1.84 1.26 -16.68
N LYS A 18 -0.75 1.09 -15.94
CA LYS A 18 -0.46 -0.18 -15.28
C LYS A 18 -1.00 -0.19 -13.85
N ASP A 19 -1.12 -1.38 -13.27
CA ASP A 19 -1.62 -1.52 -11.91
C ASP A 19 -0.48 -1.45 -10.91
N PRO A 20 -0.81 -1.05 -9.66
CA PRO A 20 0.18 -0.94 -8.59
C PRO A 20 0.69 -2.30 -8.12
N ASN A 21 -0.22 -3.26 -7.99
CA ASN A 21 0.13 -4.61 -7.55
C ASN A 21 0.89 -4.55 -6.23
N ALA A 22 0.46 -3.67 -5.34
CA ALA A 22 1.10 -3.53 -4.04
C ALA A 22 0.39 -4.39 -2.99
N PRO A 23 1.10 -4.66 -1.88
CA PRO A 23 0.56 -5.47 -0.79
C PRO A 23 -0.55 -4.76 -0.02
N LYS A 24 -1.52 -5.53 0.46
CA LYS A 24 -2.63 -4.97 1.22
C LYS A 24 -2.55 -5.36 2.68
N ARG A 25 -1.33 -5.63 3.15
CA ARG A 25 -1.11 -6.01 4.55
C ARG A 25 -0.61 -4.81 5.36
N ALA A 26 -1.01 -4.77 6.62
CA ALA A 26 -0.61 -3.69 7.52
C ALA A 26 0.68 -4.04 8.26
N LEU A 27 1.34 -3.02 8.81
CA LEU A 27 2.58 -3.22 9.54
C LEU A 27 2.40 -4.29 10.62
N SER A 28 3.31 -5.26 10.64
CA SER A 28 3.26 -6.34 11.62
C SER A 28 3.14 -5.78 13.04
N SER A 29 2.76 -6.65 13.97
CA SER A 29 2.60 -6.25 15.37
C SER A 29 3.95 -6.05 16.03
N TYR A 30 4.71 -7.14 16.17
CA TYR A 30 6.02 -7.09 16.80
C TYR A 30 7.08 -6.64 15.80
N MET A 31 6.90 -7.03 14.54
CA MET A 31 7.84 -6.66 13.48
C MET A 31 7.67 -5.20 13.08
N PHE A 32 6.66 -4.55 13.66
CA PHE A 32 6.39 -3.15 13.36
C PHE A 32 7.68 -2.34 13.33
N PHE A 33 8.63 -2.72 14.18
CA PHE A 33 9.91 -2.02 14.25
C PHE A 33 10.55 -1.92 12.87
N ALA A 34 10.70 -3.06 12.20
CA ALA A 34 11.29 -3.09 10.87
C ALA A 34 10.26 -2.79 9.80
N LYS A 35 9.07 -3.37 9.95
CA LYS A 35 7.98 -3.16 8.99
C LYS A 35 7.65 -1.67 8.86
N GLU A 36 8.02 -0.90 9.88
CA GLU A 36 7.75 0.54 9.88
C GLU A 36 8.38 1.19 8.65
N LYS A 37 9.41 0.56 8.11
CA LYS A 37 10.09 1.10 6.93
C LYS A 37 9.29 0.84 5.66
N ARG A 38 8.22 0.05 5.80
CA ARG A 38 7.36 -0.27 4.66
C ARG A 38 6.97 0.99 3.91
N VAL A 39 6.86 2.11 4.63
CA VAL A 39 6.48 3.38 4.03
C VAL A 39 7.37 3.71 2.84
N GLU A 40 8.57 3.13 2.83
CA GLU A 40 9.52 3.36 1.74
C GLU A 40 8.93 2.91 0.41
N ILE A 41 7.98 1.98 0.46
CA ILE A 41 7.34 1.47 -0.74
C ILE A 41 6.66 2.58 -1.52
N ILE A 42 6.41 3.71 -0.85
CA ILE A 42 5.75 4.85 -1.48
C ILE A 42 6.47 5.24 -2.77
N ALA A 43 7.77 4.96 -2.84
CA ALA A 43 8.56 5.28 -4.01
C ALA A 43 8.45 4.18 -5.06
N GLU A 44 8.57 2.93 -4.62
CA GLU A 44 8.48 1.78 -5.52
C GLU A 44 7.16 1.79 -6.28
N ASN A 45 6.15 2.43 -5.70
CA ASN A 45 4.83 2.51 -6.31
C ASN A 45 4.37 3.96 -6.42
N PRO A 46 4.85 4.65 -7.46
CA PRO A 46 4.48 6.06 -7.71
C PRO A 46 3.03 6.22 -8.13
N GLU A 47 2.37 5.10 -8.39
CA GLU A 47 0.97 5.12 -8.82
C GLU A 47 0.09 5.74 -7.74
N ILE A 48 0.19 5.21 -6.52
CA ILE A 48 -0.59 5.71 -5.40
C ILE A 48 0.21 6.66 -4.53
N ALA A 49 1.43 6.98 -4.99
CA ALA A 49 2.30 7.88 -4.25
C ALA A 49 1.58 9.17 -3.88
N LYS A 50 0.91 9.77 -4.86
CA LYS A 50 0.18 11.01 -4.63
C LYS A 50 -1.30 10.73 -4.42
N ASP A 51 -1.61 9.58 -3.85
CA ASP A 51 -2.99 9.19 -3.59
C ASP A 51 -3.57 10.00 -2.43
N VAL A 52 -4.18 11.13 -2.75
CA VAL A 52 -4.79 11.99 -1.73
C VAL A 52 -6.03 11.35 -1.14
N ALA A 53 -6.69 10.51 -1.92
CA ALA A 53 -7.90 9.83 -1.46
C ALA A 53 -7.56 8.67 -0.53
N ALA A 54 -6.34 8.15 -0.67
CA ALA A 54 -5.89 7.04 0.16
C ALA A 54 -5.85 7.43 1.63
N ILE A 55 -5.45 8.67 1.90
CA ILE A 55 -5.38 9.17 3.26
C ILE A 55 -6.75 9.22 3.91
N GLY A 56 -7.78 9.36 3.10
CA GLY A 56 -9.14 9.41 3.61
C GLY A 56 -9.73 8.03 3.83
N LYS A 57 -9.36 7.09 2.97
CA LYS A 57 -9.86 5.72 3.08
C LYS A 57 -9.04 4.91 4.08
N MET A 58 -7.82 5.37 4.33
CA MET A 58 -6.93 4.70 5.27
C MET A 58 -7.64 4.46 6.61
N ILE A 59 -8.56 5.35 6.95
CA ILE A 59 -9.30 5.23 8.20
C ILE A 59 -10.15 3.97 8.22
N GLY A 60 -11.11 3.89 7.29
CA GLY A 60 -11.97 2.73 7.20
C GLY A 60 -11.23 1.48 6.75
N ALA A 61 -10.09 1.67 6.09
CA ALA A 61 -9.30 0.56 5.59
C ALA A 61 -8.40 0.01 6.70
N ALA A 62 -8.12 0.84 7.70
CA ALA A 62 -7.28 0.42 8.81
C ALA A 62 -7.79 -0.86 9.46
N TRP A 63 -9.09 -1.09 9.34
CA TRP A 63 -9.71 -2.29 9.91
C TRP A 63 -9.39 -3.52 9.06
N ASN A 64 -9.53 -3.38 7.75
CA ASN A 64 -9.26 -4.48 6.83
C ASN A 64 -7.81 -4.46 6.37
N ALA A 65 -6.98 -3.67 7.05
CA ALA A 65 -5.56 -3.56 6.71
C ALA A 65 -4.80 -4.82 7.11
N LEU A 66 -5.35 -5.55 8.07
CA LEU A 66 -4.72 -6.79 8.53
C LEU A 66 -5.09 -7.96 7.64
N SER A 67 -4.52 -9.13 7.92
CA SER A 67 -4.79 -10.33 7.13
C SER A 67 -6.26 -10.72 7.23
N ASP A 68 -6.79 -11.27 6.15
CA ASP A 68 -8.18 -11.70 6.12
C ASP A 68 -8.41 -12.91 7.01
N GLU A 69 -7.67 -13.99 6.74
CA GLU A 69 -7.78 -15.21 7.51
C GLU A 69 -7.49 -14.95 9.00
N GLU A 70 -6.72 -13.90 9.26
CA GLU A 70 -6.36 -13.55 10.63
C GLU A 70 -7.32 -12.49 11.18
N LYS A 71 -8.25 -12.05 10.35
CA LYS A 71 -9.23 -11.04 10.74
C LYS A 71 -10.45 -11.70 11.37
N LYS A 72 -10.57 -13.01 11.20
CA LYS A 72 -11.70 -13.75 11.75
C LYS A 72 -11.65 -13.75 13.28
N PRO A 73 -10.49 -14.14 13.84
CA PRO A 73 -10.30 -14.20 15.28
C PRO A 73 -10.24 -12.82 15.92
N TYR A 74 -10.03 -11.80 15.09
CA TYR A 74 -9.96 -10.42 15.56
C TYR A 74 -8.77 -10.24 16.51
N GLU A 75 -7.75 -11.06 16.34
CA GLU A 75 -6.56 -10.99 17.17
C GLU A 75 -5.62 -9.89 16.68
N ARG A 76 -5.18 -10.01 15.43
CA ARG A 76 -4.27 -9.03 14.85
C ARG A 76 -5.00 -7.72 14.57
N MET A 77 -6.15 -7.81 13.91
CA MET A 77 -6.93 -6.63 13.58
C MET A 77 -7.17 -5.77 14.82
N SER A 78 -7.34 -6.43 15.96
CA SER A 78 -7.57 -5.73 17.21
C SER A 78 -6.28 -5.12 17.76
N ASP A 79 -5.24 -5.96 17.87
CA ASP A 79 -3.95 -5.50 18.37
C ASP A 79 -3.38 -4.40 17.48
N GLU A 80 -3.88 -4.33 16.25
CA GLU A 80 -3.42 -3.33 15.30
C GLU A 80 -3.62 -1.91 15.85
N ASP A 81 -4.49 -1.80 16.84
CA ASP A 81 -4.77 -0.51 17.45
C ASP A 81 -3.48 0.23 17.79
N ARG A 82 -2.42 -0.53 18.03
CA ARG A 82 -1.13 0.05 18.37
C ARG A 82 -0.34 0.41 17.11
N VAL A 83 -0.06 -0.60 16.29
CA VAL A 83 0.68 -0.39 15.05
C VAL A 83 -0.01 0.64 14.17
N ARG A 84 -1.31 0.82 14.38
CA ARG A 84 -2.08 1.78 13.59
C ARG A 84 -1.37 3.13 13.53
N TYR A 85 -0.63 3.44 14.59
CA TYR A 85 0.10 4.71 14.66
C TYR A 85 1.21 4.76 13.62
N GLU A 86 1.93 3.66 13.47
CA GLU A 86 3.02 3.58 12.50
C GLU A 86 2.48 3.35 11.10
N ARG A 87 1.40 2.58 11.01
CA ARG A 87 0.78 2.29 9.72
C ARG A 87 0.32 3.56 9.02
N GLU A 88 -0.25 4.47 9.80
CA GLU A 88 -0.74 5.74 9.26
C GLU A 88 0.40 6.55 8.65
N LYS A 89 1.63 6.28 9.11
CA LYS A 89 2.80 6.98 8.62
C LYS A 89 2.91 6.88 7.11
N ALA A 90 2.62 5.69 6.58
CA ALA A 90 2.68 5.46 5.14
C ALA A 90 1.87 6.51 4.39
N GLU A 91 0.57 6.56 4.67
CA GLU A 91 -0.31 7.52 4.01
C GLU A 91 0.15 8.95 4.27
N TYR A 92 0.92 9.14 5.33
CA TYR A 92 1.43 10.45 5.68
C TYR A 92 2.60 10.85 4.79
N ALA A 93 3.49 9.89 4.54
CA ALA A 93 4.66 10.14 3.70
C ALA A 93 4.26 10.22 2.23
N GLN A 94 3.08 9.70 1.91
CA GLN A 94 2.59 9.72 0.53
C GLN A 94 2.14 11.12 0.14
N ARG A 95 1.70 11.90 1.12
CA ARG A 95 1.25 13.27 0.88
C ARG A 95 2.41 14.16 0.46
N LYS A 96 3.56 13.97 1.09
CA LYS A 96 4.75 14.76 0.79
C LYS A 96 5.22 14.50 -0.64
N VAL A 97 5.55 13.24 -0.93
CA VAL A 97 6.01 12.87 -2.27
C VAL A 97 4.94 13.12 -3.32
N MET A 1 8.83 -6.07 -28.00
CA MET A 1 8.74 -4.65 -27.68
C MET A 1 7.51 -4.02 -28.32
N ALA A 2 6.91 -3.06 -27.63
CA ALA A 2 5.72 -2.39 -28.14
C ALA A 2 5.96 -1.84 -29.55
N GLY A 3 4.88 -1.51 -30.24
CA GLY A 3 5.00 -0.99 -31.60
C GLY A 3 3.69 -1.05 -32.36
N ALA A 4 2.88 -2.06 -32.06
CA ALA A 4 1.59 -2.22 -32.72
C ALA A 4 1.78 -2.48 -34.21
N SER A 5 2.99 -2.84 -34.60
CA SER A 5 3.30 -3.10 -36.00
C SER A 5 2.50 -4.31 -36.52
N ASP A 6 2.23 -5.25 -35.62
CA ASP A 6 1.47 -6.44 -35.98
C ASP A 6 0.00 -6.29 -35.60
N ARG A 7 -0.25 -6.15 -34.30
CA ARG A 7 -1.61 -6.00 -33.81
C ARG A 7 -2.10 -4.56 -33.97
N THR A 8 -3.29 -4.28 -33.45
CA THR A 8 -3.86 -2.94 -33.53
C THR A 8 -4.00 -2.31 -32.15
N GLY A 9 -3.16 -2.74 -31.22
CA GLY A 9 -3.21 -2.21 -29.87
C GLY A 9 -2.32 -2.96 -28.90
N VAL A 10 -1.02 -2.91 -29.15
CA VAL A 10 -0.05 -3.60 -28.30
C VAL A 10 0.34 -2.74 -27.10
N ARG A 11 0.21 -3.30 -25.90
CA ARG A 11 0.56 -2.58 -24.68
C ARG A 11 1.97 -2.93 -24.23
N ARG A 12 2.53 -2.08 -23.36
CA ARG A 12 3.89 -2.29 -22.86
C ARG A 12 4.00 -1.84 -21.41
N PRO A 13 5.02 -2.35 -20.71
CA PRO A 13 5.26 -2.01 -19.30
C PRO A 13 5.72 -0.57 -19.12
N ARG A 14 6.02 0.08 -20.24
CA ARG A 14 6.48 1.48 -20.20
C ARG A 14 5.37 2.40 -19.71
N LYS A 15 4.14 1.90 -19.70
CA LYS A 15 3.00 2.68 -19.26
C LYS A 15 3.25 3.30 -17.89
N ALA A 16 3.33 4.63 -17.85
CA ALA A 16 3.58 5.34 -16.61
C ALA A 16 2.32 5.36 -15.73
N LYS A 17 1.16 5.22 -16.37
CA LYS A 17 -0.11 5.21 -15.65
C LYS A 17 -0.56 3.80 -15.34
N LYS A 18 0.41 2.93 -15.04
CA LYS A 18 0.11 1.54 -14.70
C LYS A 18 -0.16 1.37 -13.23
N ASP A 19 -0.99 0.38 -12.88
CA ASP A 19 -1.32 0.12 -11.49
C ASP A 19 -0.07 -0.10 -10.65
N PRO A 20 -0.18 0.16 -9.34
CA PRO A 20 0.94 0.00 -8.41
C PRO A 20 1.31 -1.46 -8.19
N ASN A 21 0.29 -2.31 -8.08
CA ASN A 21 0.52 -3.73 -7.87
C ASN A 21 1.37 -3.98 -6.64
N ALA A 22 1.01 -3.33 -5.54
CA ALA A 22 1.76 -3.48 -4.29
C ALA A 22 0.88 -4.06 -3.19
N PRO A 23 1.52 -4.62 -2.15
CA PRO A 23 0.82 -5.23 -1.03
C PRO A 23 0.10 -4.20 -0.16
N LYS A 24 -0.85 -4.67 0.65
CA LYS A 24 -1.61 -3.79 1.53
C LYS A 24 -1.59 -4.30 2.96
N ARG A 25 -0.55 -5.06 3.30
CA ARG A 25 -0.41 -5.62 4.64
C ARG A 25 0.05 -4.54 5.63
N ALA A 26 -0.81 -4.24 6.60
CA ALA A 26 -0.49 -3.23 7.61
C ALA A 26 0.70 -3.66 8.46
N LEU A 27 1.37 -2.69 9.06
CA LEU A 27 2.53 -2.97 9.90
C LEU A 27 2.21 -4.03 10.93
N SER A 28 3.00 -5.11 10.93
CA SER A 28 2.79 -6.20 11.88
C SER A 28 2.73 -5.68 13.31
N SER A 29 2.32 -6.55 14.23
CA SER A 29 2.21 -6.17 15.64
C SER A 29 3.59 -6.06 16.27
N TYR A 30 4.28 -7.19 16.36
CA TYR A 30 5.62 -7.22 16.96
C TYR A 30 6.68 -6.82 15.94
N MET A 31 6.43 -7.14 14.68
CA MET A 31 7.36 -6.81 13.60
C MET A 31 7.29 -5.32 13.26
N PHE A 32 6.33 -4.62 13.88
CA PHE A 32 6.16 -3.20 13.63
C PHE A 32 7.50 -2.47 13.63
N PHE A 33 8.43 -2.97 14.44
CA PHE A 33 9.76 -2.36 14.53
C PHE A 33 10.40 -2.24 13.15
N ALA A 34 10.42 -3.35 12.42
CA ALA A 34 11.01 -3.36 11.08
C ALA A 34 9.99 -2.91 10.04
N LYS A 35 8.76 -3.38 10.16
CA LYS A 35 7.69 -3.02 9.23
C LYS A 35 7.48 -1.51 9.21
N GLU A 36 7.91 -0.84 10.28
CA GLU A 36 7.76 0.60 10.39
C GLU A 36 8.45 1.31 9.22
N LYS A 37 9.42 0.63 8.61
CA LYS A 37 10.15 1.19 7.49
C LYS A 37 9.34 1.06 6.19
N ARG A 38 8.22 0.35 6.28
CA ARG A 38 7.36 0.15 5.12
C ARG A 38 7.03 1.47 4.45
N VAL A 39 6.97 2.54 5.25
CA VAL A 39 6.65 3.87 4.74
C VAL A 39 7.64 4.28 3.66
N GLU A 40 8.80 3.63 3.63
CA GLU A 40 9.83 3.93 2.65
C GLU A 40 9.36 3.55 1.25
N ILE A 41 8.45 2.59 1.17
CA ILE A 41 7.93 2.12 -0.10
C ILE A 41 7.36 3.28 -0.91
N ILE A 42 7.00 4.36 -0.23
CA ILE A 42 6.45 5.54 -0.88
C ILE A 42 7.32 5.98 -2.04
N ALA A 43 8.62 5.72 -1.93
CA ALA A 43 9.57 6.09 -2.98
C ALA A 43 9.55 5.08 -4.12
N GLU A 44 9.74 3.81 -3.79
CA GLU A 44 9.74 2.75 -4.79
C GLU A 44 8.43 2.74 -5.58
N ASN A 45 7.38 3.26 -4.97
CA ASN A 45 6.06 3.31 -5.61
C ASN A 45 5.62 4.75 -5.83
N PRO A 46 6.20 5.41 -6.84
CA PRO A 46 5.89 6.80 -7.18
C PRO A 46 4.49 6.95 -7.76
N GLU A 47 3.85 5.81 -8.03
CA GLU A 47 2.50 5.82 -8.60
C GLU A 47 1.52 6.49 -7.65
N ILE A 48 1.49 6.03 -6.41
CA ILE A 48 0.60 6.58 -5.40
C ILE A 48 1.34 7.52 -4.45
N ALA A 49 2.60 7.79 -4.78
CA ALA A 49 3.42 8.67 -3.95
C ALA A 49 2.71 9.98 -3.68
N LYS A 50 1.93 10.45 -4.65
CA LYS A 50 1.19 11.70 -4.51
C LYS A 50 -0.30 11.44 -4.41
N ASP A 51 -0.66 10.29 -3.81
CA ASP A 51 -2.06 9.92 -3.65
C ASP A 51 -2.65 10.60 -2.41
N VAL A 52 -3.41 11.67 -2.63
CA VAL A 52 -4.04 12.39 -1.54
C VAL A 52 -5.30 11.68 -1.05
N ALA A 53 -5.92 10.91 -1.94
CA ALA A 53 -7.12 10.17 -1.60
C ALA A 53 -6.80 8.93 -0.75
N ALA A 54 -5.59 8.41 -0.92
CA ALA A 54 -5.15 7.24 -0.18
C ALA A 54 -5.24 7.48 1.32
N ILE A 55 -5.17 8.74 1.72
CA ILE A 55 -5.24 9.11 3.13
C ILE A 55 -6.69 9.03 3.64
N GLY A 56 -7.63 9.18 2.72
CA GLY A 56 -9.04 9.12 3.09
C GLY A 56 -9.56 7.70 3.16
N LYS A 57 -9.04 6.84 2.31
CA LYS A 57 -9.46 5.45 2.27
C LYS A 57 -8.72 4.62 3.33
N MET A 58 -7.57 5.12 3.75
CA MET A 58 -6.76 4.43 4.75
C MET A 58 -7.60 4.10 5.99
N ILE A 59 -8.60 4.93 6.25
CA ILE A 59 -9.47 4.74 7.40
C ILE A 59 -10.30 3.46 7.25
N GLY A 60 -11.14 3.43 6.22
CA GLY A 60 -11.97 2.27 5.97
C GLY A 60 -11.16 1.04 5.60
N ALA A 61 -9.97 1.27 5.05
CA ALA A 61 -9.10 0.17 4.63
C ALA A 61 -8.30 -0.36 5.82
N ALA A 62 -8.13 0.48 6.84
CA ALA A 62 -7.39 0.10 8.03
C ALA A 62 -7.91 -1.21 8.61
N TRP A 63 -9.20 -1.47 8.40
CA TRP A 63 -9.82 -2.68 8.90
C TRP A 63 -9.36 -3.90 8.12
N ASN A 64 -9.35 -3.77 6.79
CA ASN A 64 -8.93 -4.88 5.92
C ASN A 64 -7.44 -4.78 5.62
N ALA A 65 -6.74 -3.95 6.37
CA ALA A 65 -5.30 -3.77 6.18
C ALA A 65 -4.53 -5.00 6.65
N LEU A 66 -5.05 -5.67 7.67
CA LEU A 66 -4.41 -6.87 8.21
C LEU A 66 -4.64 -8.06 7.31
N SER A 67 -3.98 -9.18 7.62
CA SER A 67 -4.12 -10.40 6.83
C SER A 67 -5.55 -10.90 6.86
N ASP A 68 -5.98 -11.49 5.75
CA ASP A 68 -7.34 -12.03 5.64
C ASP A 68 -7.51 -13.26 6.54
N GLU A 69 -6.65 -14.25 6.33
CA GLU A 69 -6.71 -15.48 7.12
C GLU A 69 -6.56 -15.19 8.60
N GLU A 70 -5.91 -14.07 8.92
CA GLU A 70 -5.70 -13.68 10.30
C GLU A 70 -6.79 -12.72 10.77
N LYS A 71 -7.68 -12.36 9.85
CA LYS A 71 -8.77 -11.45 10.16
C LYS A 71 -9.99 -12.20 10.68
N LYS A 72 -9.97 -13.52 10.51
CA LYS A 72 -11.07 -14.36 10.96
C LYS A 72 -11.19 -14.35 12.48
N PRO A 73 -10.06 -14.61 13.16
CA PRO A 73 -10.02 -14.61 14.63
C PRO A 73 -10.18 -13.23 15.23
N TYR A 74 -9.96 -12.20 14.40
CA TYR A 74 -10.09 -10.82 14.85
C TYR A 74 -9.05 -10.50 15.91
N GLU A 75 -7.98 -11.31 15.96
CA GLU A 75 -6.92 -11.11 16.93
C GLU A 75 -5.95 -10.03 16.47
N ARG A 76 -5.34 -10.25 15.30
CA ARG A 76 -4.39 -9.28 14.75
C ARG A 76 -5.08 -7.96 14.42
N MET A 77 -6.16 -8.04 13.65
CA MET A 77 -6.91 -6.85 13.26
C MET A 77 -7.30 -6.03 14.49
N SER A 78 -7.44 -6.70 15.63
CA SER A 78 -7.80 -6.02 16.86
C SER A 78 -6.57 -5.42 17.54
N ASP A 79 -5.60 -6.26 17.83
CA ASP A 79 -4.37 -5.81 18.47
C ASP A 79 -3.67 -4.74 17.63
N GLU A 80 -4.00 -4.71 16.34
CA GLU A 80 -3.42 -3.74 15.44
C GLU A 80 -3.78 -2.31 15.84
N ASP A 81 -4.79 -2.19 16.71
CA ASP A 81 -5.24 -0.88 17.17
C ASP A 81 -4.06 -0.03 17.64
N ARG A 82 -2.99 -0.70 18.07
CA ARG A 82 -1.80 0.00 18.54
C ARG A 82 -0.89 0.36 17.37
N VAL A 83 -0.38 -0.66 16.68
CA VAL A 83 0.51 -0.44 15.55
C VAL A 83 -0.15 0.44 14.50
N ARG A 84 -1.48 0.48 14.52
CA ARG A 84 -2.23 1.29 13.56
C ARG A 84 -1.68 2.71 13.50
N TYR A 85 -1.23 3.21 14.64
CA TYR A 85 -0.67 4.56 14.72
C TYR A 85 0.55 4.71 13.81
N GLU A 86 1.37 3.66 13.77
CA GLU A 86 2.57 3.67 12.95
C GLU A 86 2.24 3.33 11.50
N ARG A 87 1.24 2.47 11.31
CA ARG A 87 0.83 2.06 9.98
C ARG A 87 0.30 3.25 9.17
N GLU A 88 -0.51 4.08 9.84
CA GLU A 88 -1.08 5.26 9.19
C GLU A 88 0.01 6.23 8.76
N LYS A 89 1.17 6.14 9.41
CA LYS A 89 2.30 7.01 9.09
C LYS A 89 2.60 6.99 7.60
N ALA A 90 2.52 5.81 6.99
CA ALA A 90 2.78 5.66 5.57
C ALA A 90 1.96 6.67 4.75
N GLU A 91 0.65 6.68 4.99
CA GLU A 91 -0.24 7.59 4.27
C GLU A 91 0.09 9.04 4.61
N TYR A 92 0.75 9.25 5.74
CA TYR A 92 1.12 10.59 6.19
C TYR A 92 2.38 11.07 5.46
N ALA A 93 3.33 10.16 5.28
CA ALA A 93 4.58 10.50 4.61
C ALA A 93 4.37 10.61 3.10
N GLN A 94 3.22 10.15 2.63
CA GLN A 94 2.91 10.19 1.20
C GLN A 94 2.49 11.60 0.78
N ARG A 95 1.99 12.36 1.74
CA ARG A 95 1.55 13.73 1.47
C ARG A 95 2.74 14.63 1.15
N LYS A 96 3.89 14.32 1.75
CA LYS A 96 5.10 15.10 1.53
C LYS A 96 5.54 15.01 0.07
N VAL A 97 5.30 13.87 -0.55
CA VAL A 97 5.67 13.66 -1.95
C VAL A 97 4.45 13.70 -2.86
N MET A 1 9.40 -6.19 -22.88
CA MET A 1 9.61 -4.77 -22.64
C MET A 1 9.17 -3.94 -23.85
N ALA A 2 9.28 -2.62 -23.73
CA ALA A 2 8.89 -1.72 -24.81
C ALA A 2 10.01 -1.60 -25.84
N GLY A 3 9.67 -1.08 -27.02
CA GLY A 3 10.66 -0.92 -28.07
C GLY A 3 10.97 -2.22 -28.78
N ALA A 4 9.99 -3.11 -28.83
CA ALA A 4 10.17 -4.40 -29.48
C ALA A 4 10.04 -4.27 -31.00
N SER A 5 10.21 -5.39 -31.69
CA SER A 5 10.11 -5.39 -33.16
C SER A 5 8.97 -6.30 -33.62
N ASP A 6 7.86 -6.26 -32.90
CA ASP A 6 6.70 -7.06 -33.24
C ASP A 6 5.49 -6.19 -33.56
N ARG A 7 5.31 -5.14 -32.76
CA ARG A 7 4.20 -4.22 -32.96
C ARG A 7 4.70 -2.78 -33.11
N THR A 8 3.78 -1.87 -33.41
CA THR A 8 4.12 -0.46 -33.58
C THR A 8 4.26 0.24 -32.24
N GLY A 9 3.43 -0.16 -31.28
CA GLY A 9 3.48 0.43 -29.95
C GLY A 9 3.36 -0.59 -28.85
N VAL A 10 4.42 -1.35 -28.63
CA VAL A 10 4.43 -2.38 -27.60
C VAL A 10 4.18 -1.77 -26.23
N ARG A 11 3.27 -2.38 -25.47
CA ARG A 11 2.95 -1.90 -24.13
C ARG A 11 4.02 -2.33 -23.12
N ARG A 12 4.10 -1.61 -22.01
CA ARG A 12 5.07 -1.91 -20.97
C ARG A 12 4.40 -1.93 -19.60
N PRO A 13 5.00 -2.70 -18.67
CA PRO A 13 4.49 -2.83 -17.30
C PRO A 13 4.66 -1.54 -16.49
N ARG A 14 5.47 -0.62 -17.01
CA ARG A 14 5.72 0.65 -16.34
C ARG A 14 4.52 1.58 -16.50
N LYS A 15 3.63 1.26 -17.43
CA LYS A 15 2.45 2.07 -17.67
C LYS A 15 1.68 2.33 -16.38
N ALA A 16 1.58 3.59 -15.99
CA ALA A 16 0.87 3.96 -14.77
C ALA A 16 -0.64 3.98 -15.00
N LYS A 17 -1.04 4.05 -16.26
CA LYS A 17 -2.45 4.07 -16.61
C LYS A 17 -3.16 2.81 -16.11
N LYS A 18 -2.40 1.72 -16.02
CA LYS A 18 -2.96 0.45 -15.55
C LYS A 18 -3.23 0.50 -14.05
N ASP A 19 -3.73 -0.62 -13.52
CA ASP A 19 -4.03 -0.71 -12.09
C ASP A 19 -2.75 -0.59 -11.26
N PRO A 20 -2.91 -0.15 -10.01
CA PRO A 20 -1.78 0.02 -9.08
C PRO A 20 -1.19 -1.31 -8.64
N ASN A 21 -2.05 -2.27 -8.36
CA ASN A 21 -1.62 -3.60 -7.92
C ASN A 21 -0.65 -3.49 -6.74
N ALA A 22 -0.82 -2.45 -5.94
CA ALA A 22 0.03 -2.23 -4.78
C ALA A 22 -0.51 -2.96 -3.56
N PRO A 23 0.36 -3.18 -2.56
CA PRO A 23 0.00 -3.87 -1.32
C PRO A 23 -0.94 -3.04 -0.44
N LYS A 24 -2.08 -3.62 -0.09
CA LYS A 24 -3.06 -2.92 0.74
C LYS A 24 -3.11 -3.54 2.14
N ARG A 25 -2.01 -4.18 2.54
CA ARG A 25 -1.93 -4.79 3.86
C ARG A 25 -1.27 -3.85 4.86
N ALA A 26 -1.28 -4.25 6.13
CA ALA A 26 -0.68 -3.45 7.19
C ALA A 26 0.68 -4.00 7.60
N LEU A 27 1.51 -3.14 8.19
CA LEU A 27 2.84 -3.54 8.64
C LEU A 27 2.76 -4.66 9.66
N SER A 28 3.53 -5.72 9.43
CA SER A 28 3.55 -6.87 10.33
C SER A 28 3.77 -6.42 11.77
N SER A 29 3.54 -7.33 12.71
CA SER A 29 3.72 -7.04 14.12
C SER A 29 5.19 -7.00 14.49
N TYR A 30 5.85 -8.15 14.40
CA TYR A 30 7.27 -8.26 14.72
C TYR A 30 8.13 -7.82 13.54
N MET A 31 7.66 -8.12 12.34
CA MET A 31 8.39 -7.75 11.12
C MET A 31 8.28 -6.25 10.85
N PHE A 32 7.47 -5.57 11.66
CA PHE A 32 7.27 -4.13 11.51
C PHE A 32 8.60 -3.43 11.26
N PHE A 33 9.67 -3.95 11.86
CA PHE A 33 10.99 -3.36 11.70
C PHE A 33 11.33 -3.17 10.23
N ALA A 34 11.19 -4.24 9.45
CA ALA A 34 11.48 -4.19 8.02
C ALA A 34 10.29 -3.67 7.24
N LYS A 35 9.09 -4.13 7.61
CA LYS A 35 7.87 -3.71 6.93
C LYS A 35 7.71 -2.19 7.01
N GLU A 36 8.37 -1.57 7.97
CA GLU A 36 8.30 -0.13 8.14
C GLU A 36 8.74 0.60 6.87
N LYS A 37 9.54 -0.08 6.05
CA LYS A 37 10.03 0.50 4.80
C LYS A 37 8.95 0.44 3.72
N ARG A 38 7.84 -0.24 4.03
CA ARG A 38 6.74 -0.36 3.09
C ARG A 38 6.32 1.00 2.55
N VAL A 39 6.49 2.04 3.37
CA VAL A 39 6.14 3.39 2.98
C VAL A 39 6.87 3.80 1.71
N GLU A 40 7.96 3.10 1.40
CA GLU A 40 8.75 3.40 0.21
C GLU A 40 7.95 3.08 -1.06
N ILE A 41 7.05 2.12 -0.95
CA ILE A 41 6.22 1.71 -2.08
C ILE A 41 5.50 2.91 -2.70
N ILE A 42 5.31 3.96 -1.90
CA ILE A 42 4.65 5.16 -2.36
C ILE A 42 5.27 5.67 -3.67
N ALA A 43 6.56 5.40 -3.84
CA ALA A 43 7.27 5.82 -5.04
C ALA A 43 7.02 4.86 -6.20
N GLU A 44 7.22 3.58 -5.95
CA GLU A 44 7.01 2.56 -6.99
C GLU A 44 5.58 2.63 -7.52
N ASN A 45 4.67 3.14 -6.70
CA ASN A 45 3.26 3.24 -7.09
C ASN A 45 2.83 4.70 -7.12
N PRO A 46 3.22 5.41 -8.20
CA PRO A 46 2.88 6.82 -8.38
C PRO A 46 1.40 7.03 -8.66
N GLU A 47 0.68 5.93 -8.88
CA GLU A 47 -0.75 5.99 -9.16
C GLU A 47 -1.51 6.61 -7.99
N ILE A 48 -1.30 6.06 -6.80
CA ILE A 48 -1.96 6.56 -5.60
C ILE A 48 -1.02 7.40 -4.75
N ALA A 49 0.17 7.66 -5.29
CA ALA A 49 1.17 8.47 -4.59
C ALA A 49 0.56 9.76 -4.07
N LYS A 50 -0.41 10.29 -4.80
CA LYS A 50 -1.07 11.53 -4.42
C LYS A 50 -2.57 11.33 -4.26
N ASP A 51 -2.96 10.13 -3.84
CA ASP A 51 -4.37 9.81 -3.65
C ASP A 51 -4.91 10.47 -2.40
N VAL A 52 -5.88 11.37 -2.58
CA VAL A 52 -6.48 12.09 -1.47
C VAL A 52 -7.52 11.21 -0.76
N ALA A 53 -8.14 10.31 -1.52
CA ALA A 53 -9.15 9.42 -0.95
C ALA A 53 -8.54 8.50 0.11
N ALA A 54 -7.23 8.34 0.06
CA ALA A 54 -6.53 7.48 1.01
C ALA A 54 -6.70 8.00 2.43
N ILE A 55 -6.98 9.30 2.56
CA ILE A 55 -7.17 9.90 3.87
C ILE A 55 -8.60 9.71 4.37
N GLY A 56 -9.55 9.72 3.45
CA GLY A 56 -10.94 9.54 3.81
C GLY A 56 -11.33 8.08 3.94
N LYS A 57 -10.63 7.22 3.21
CA LYS A 57 -10.90 5.79 3.24
C LYS A 57 -10.19 5.12 4.42
N MET A 58 -9.17 5.80 4.94
CA MET A 58 -8.41 5.27 6.07
C MET A 58 -9.35 4.78 7.16
N ILE A 59 -10.50 5.42 7.29
CA ILE A 59 -11.47 5.04 8.30
C ILE A 59 -11.84 3.57 8.19
N GLY A 60 -12.42 3.20 7.05
CA GLY A 60 -12.81 1.82 6.84
C GLY A 60 -11.62 0.90 6.68
N ALA A 61 -10.47 1.47 6.32
CA ALA A 61 -9.25 0.69 6.14
C ALA A 61 -8.60 0.38 7.49
N ALA A 62 -8.98 1.13 8.51
CA ALA A 62 -8.42 0.94 9.85
C ALA A 62 -8.52 -0.52 10.27
N TRP A 63 -9.72 -1.08 10.18
CA TRP A 63 -9.93 -2.47 10.57
C TRP A 63 -9.56 -3.41 9.43
N ASN A 64 -9.52 -2.88 8.21
CA ASN A 64 -9.18 -3.67 7.03
C ASN A 64 -7.67 -3.62 6.77
N ALA A 65 -6.92 -3.11 7.74
CA ALA A 65 -5.47 -3.01 7.60
C ALA A 65 -4.81 -4.38 7.73
N LEU A 66 -5.36 -5.22 8.60
CA LEU A 66 -4.82 -6.56 8.80
C LEU A 66 -5.58 -7.59 7.98
N SER A 67 -5.15 -8.84 8.06
CA SER A 67 -5.79 -9.92 7.32
C SER A 67 -7.25 -10.09 7.75
N ASP A 68 -8.10 -10.46 6.80
CA ASP A 68 -9.52 -10.65 7.08
C ASP A 68 -9.74 -11.89 7.95
N GLU A 69 -9.14 -13.01 7.53
CA GLU A 69 -9.27 -14.26 8.27
C GLU A 69 -8.79 -14.10 9.70
N GLU A 70 -7.83 -13.20 9.91
CA GLU A 70 -7.29 -12.95 11.23
C GLU A 70 -7.99 -11.77 11.90
N LYS A 71 -8.91 -11.16 11.18
CA LYS A 71 -9.67 -10.02 11.69
C LYS A 71 -10.93 -10.49 12.41
N LYS A 72 -11.29 -11.75 12.21
CA LYS A 72 -12.47 -12.33 12.84
C LYS A 72 -12.30 -12.39 14.36
N PRO A 73 -11.19 -12.97 14.81
CA PRO A 73 -10.88 -13.11 16.24
C PRO A 73 -10.56 -11.77 16.89
N TYR A 74 -10.32 -10.76 16.07
CA TYR A 74 -10.01 -9.42 16.57
C TYR A 74 -8.68 -9.43 17.33
N GLU A 75 -7.91 -10.49 17.14
CA GLU A 75 -6.62 -10.62 17.81
C GLU A 75 -5.53 -9.84 17.08
N ARG A 76 -5.33 -10.17 15.80
CA ARG A 76 -4.33 -9.50 14.99
C ARG A 76 -4.66 -8.02 14.84
N MET A 77 -5.87 -7.73 14.35
CA MET A 77 -6.31 -6.36 14.15
C MET A 77 -6.11 -5.54 15.42
N SER A 78 -6.31 -6.16 16.57
CA SER A 78 -6.15 -5.49 17.85
C SER A 78 -4.69 -5.10 18.08
N ASP A 79 -3.80 -6.06 17.88
CA ASP A 79 -2.37 -5.83 18.06
C ASP A 79 -1.88 -4.71 17.14
N GLU A 80 -2.65 -4.42 16.09
CA GLU A 80 -2.29 -3.38 15.14
C GLU A 80 -2.21 -2.03 15.83
N ASP A 81 -2.81 -1.93 17.02
CA ASP A 81 -2.81 -0.69 17.77
C ASP A 81 -1.40 -0.12 17.89
N ARG A 82 -0.41 -1.00 17.92
CA ARG A 82 0.99 -0.59 18.03
C ARG A 82 1.56 -0.27 16.66
N VAL A 83 1.61 -1.27 15.78
CA VAL A 83 2.14 -1.09 14.44
C VAL A 83 1.45 0.06 13.72
N ARG A 84 0.23 0.38 14.16
CA ARG A 84 -0.54 1.45 13.56
C ARG A 84 0.30 2.73 13.45
N TYR A 85 1.23 2.91 14.39
CA TYR A 85 2.09 4.08 14.39
C TYR A 85 2.99 4.10 13.16
N GLU A 86 3.53 2.94 12.81
CA GLU A 86 4.41 2.82 11.67
C GLU A 86 3.60 2.71 10.37
N ARG A 87 2.47 2.00 10.45
CA ARG A 87 1.61 1.82 9.28
C ARG A 87 1.08 3.16 8.78
N GLU A 88 0.59 3.99 9.70
CA GLU A 88 0.05 5.30 9.34
C GLU A 88 1.08 6.11 8.56
N LYS A 89 2.36 5.82 8.80
CA LYS A 89 3.44 6.52 8.13
C LYS A 89 3.25 6.50 6.62
N ALA A 90 2.88 5.33 6.09
CA ALA A 90 2.66 5.18 4.66
C ALA A 90 1.71 6.25 4.13
N GLU A 91 0.50 6.27 4.66
CA GLU A 91 -0.50 7.25 4.24
C GLU A 91 0.00 8.67 4.48
N TYR A 92 0.91 8.83 5.42
CA TYR A 92 1.47 10.14 5.75
C TYR A 92 2.42 10.61 4.66
N ALA A 93 3.24 9.69 4.16
CA ALA A 93 4.20 10.00 3.10
C ALA A 93 3.51 10.16 1.77
N GLN A 94 2.32 9.59 1.64
CA GLN A 94 1.55 9.66 0.41
C GLN A 94 0.97 11.05 0.20
N ARG A 95 0.27 11.55 1.22
CA ARG A 95 -0.33 12.88 1.15
C ARG A 95 0.70 13.93 0.76
N LYS A 96 1.91 13.79 1.29
CA LYS A 96 3.00 14.72 0.99
C LYS A 96 3.32 14.73 -0.50
N VAL A 97 3.70 13.58 -1.02
CA VAL A 97 4.03 13.45 -2.43
C VAL A 97 2.83 13.79 -3.32
#